data_2J7O
#
_entry.id   2J7O
#
_cell.length_a   114.596
_cell.length_b   125.015
_cell.length_c   102.204
_cell.angle_alpha   90.00
_cell.angle_beta   108.75
_cell.angle_gamma   90.00
#
_symmetry.space_group_name_H-M   'C 1 2 1'
#
loop_
_entity.id
_entity.type
_entity.pdbx_description
1 polymer 'RNA DEPENDENT RNA POLYMERASE'
2 non-polymer 'MAGNESIUM ION'
#
_entity_poly.entity_id   1
_entity_poly.type   'polypeptide(L)'
_entity_poly.pdbx_seq_one_letter_code
;ESARSQVQVHAPVVAARLRNIWPKFPKWLHEAPLAVAWEVTRLFMHCKVDLEDESLGLKYDPSWSTARDVTDIWKTLYRL
DAFRGKPFPEKPPNDVFVTAMTGNFESKGSAVVLSAVLDYNPDNSPTAPLYLVKLKPLMFEQGCRLTRRFGPDRFFEILI
PSPTSTSPSVPPVVSKQPAAVEEVIQWLTMGQHSLVGRQWRAFFAKDAGYRKPLREFQLRAEDPKPIIKERVHFFAETGI
TFRPDVFKTRSVVPAEEPVEQRTEFKVSQMLDWLLQLDNNTWQPHLKLFSRIQLGLSKTYAIMTLEPHQIRHHKTDLLSP
SGTGEVMNDGVGRMSRSVAKRIRDVLGLGDVPSAVQGRFGSAKGMWVIDVDDTGDEDWIETYPSQRKWECDFVDKHQRTL
EVRSVASELKSAGLNLQLLPVLEDRARDKVKMRQAIGDRLINDLQRQFSEQKHALNRPVEFRQWVYESYSSRATRVSHGR
VPFLAGLPDSQEETLNFLMNSGFDPKKQKYLQDIAWDLQKRKCDTLKSKLNIRVGRSAYIYMIADFWGVLEENEVHVGFS
SKFRDEEESFTLLSDCDVLVARSPAHFPSDIQRVRAVFKPELHSLKDVIIFSTKGDVPLAKKLSGGDYDGDMAWVCWDPE
IVDGFVNAEMPLEPDLSRYLKKDKTTFKQLMASHGTGSAAKEQTTYDMIQKSFHFALQPNFLGMCTNYKERLCYINNSVS
NKPAIILSSLVGNLVDQSKQGIVFNEASWAQLRRELLGGALSLPDPMYKSDSWLGRGEPTHIIDYLKFSIARPAIDKELE
AFHNAMKAAKDTEDGAHFWDPDLASYYTFFKEISDKSRSSALLFTTLKNRIGEVEKEYGRLVKNKEMRDSKDPYPVRVNQ
VYEKWCAITPEAMDKSGANYDSKVIRLLELSFLADREMNTWALLRASTAFKLYYHKSPKFVWQMAGRQLAYIKAQMTSRP
GEGAPALMTAFMYAGLMPDKKFTKQYVARLEGDGSEYPDPEVYEVLGDDDFDGIGFTGNGDY
;
_entity_poly.pdbx_strand_id   A
#
# COMPACT_ATOMS: atom_id res chain seq x y z
N HIS A 10 -33.34 -6.87 17.44
CA HIS A 10 -34.13 -8.13 17.33
C HIS A 10 -35.11 -8.07 16.15
N ALA A 11 -34.67 -8.58 15.00
CA ALA A 11 -35.47 -8.57 13.79
C ALA A 11 -36.70 -9.50 13.89
N PRO A 12 -36.50 -10.84 13.88
CA PRO A 12 -35.32 -11.66 13.63
C PRO A 12 -35.40 -12.28 12.24
N VAL A 13 -34.30 -12.33 11.51
CA VAL A 13 -34.37 -12.83 10.13
C VAL A 13 -33.27 -13.75 9.52
N VAL A 14 -32.00 -13.76 9.93
CA VAL A 14 -31.26 -12.94 10.94
C VAL A 14 -31.89 -12.55 12.28
N ALA A 15 -31.81 -13.43 13.28
CA ALA A 15 -31.45 -14.83 13.09
C ALA A 15 -32.72 -15.57 12.61
N ALA A 16 -32.70 -16.89 12.42
CA ALA A 16 -31.61 -17.79 12.83
C ALA A 16 -30.29 -17.57 12.11
N ARG A 17 -30.33 -17.12 10.86
CA ARG A 17 -29.10 -16.81 10.14
C ARG A 17 -28.21 -15.99 11.06
N LEU A 18 -26.90 -16.25 11.01
CA LEU A 18 -25.95 -15.80 12.04
C LEU A 18 -25.84 -16.91 13.07
N ARG A 19 -25.95 -18.16 12.59
CA ARG A 19 -26.18 -19.36 13.41
C ARG A 19 -25.41 -19.46 14.76
N ASN A 20 -24.22 -20.07 14.83
CA ASN A 20 -23.53 -20.85 13.78
C ASN A 20 -22.98 -20.13 12.54
N ILE A 21 -21.86 -19.44 12.73
CA ILE A 21 -21.11 -18.81 11.65
C ILE A 21 -19.68 -19.36 11.65
N TRP A 22 -19.21 -19.75 12.83
CA TRP A 22 -17.81 -20.12 12.96
C TRP A 22 -17.60 -21.61 12.76
N PRO A 23 -16.43 -22.00 12.25
CA PRO A 23 -16.10 -23.41 12.16
C PRO A 23 -16.06 -24.01 13.56
N LYS A 24 -16.56 -25.22 13.68
CA LYS A 24 -16.62 -25.88 14.96
C LYS A 24 -15.23 -26.28 15.45
N PHE A 25 -15.09 -26.42 16.76
CA PHE A 25 -13.86 -26.90 17.36
C PHE A 25 -14.08 -28.30 17.96
N PRO A 26 -13.67 -29.36 17.23
CA PRO A 26 -13.89 -30.76 17.62
C PRO A 26 -13.11 -31.17 18.86
N LYS A 27 -13.60 -32.21 19.53
CA LYS A 27 -13.00 -32.72 20.76
C LYS A 27 -11.65 -33.38 20.52
N TRP A 28 -11.52 -34.04 19.37
CA TRP A 28 -10.29 -34.75 19.00
C TRP A 28 -9.16 -33.75 18.80
N LEU A 29 -9.53 -32.49 18.56
CA LEU A 29 -8.57 -31.40 18.31
C LEU A 29 -8.37 -30.49 19.52
N HIS A 30 -8.94 -30.84 20.67
CA HIS A 30 -8.89 -29.96 21.83
C HIS A 30 -7.51 -29.89 22.50
N GLU A 31 -6.68 -30.93 22.29
CA GLU A 31 -5.30 -30.87 22.77
C GLU A 31 -4.41 -29.95 21.92
N ALA A 32 -5.05 -29.04 21.19
CA ALA A 32 -4.40 -27.92 20.46
C ALA A 32 -3.11 -28.34 19.73
N PRO A 33 -2.04 -27.53 19.82
CA PRO A 33 -1.92 -26.15 20.31
C PRO A 33 -2.52 -25.14 19.35
N LEU A 34 -2.65 -23.88 19.82
CA LEU A 34 -3.36 -22.84 19.09
C LEU A 34 -3.04 -22.86 17.60
N ALA A 35 -1.75 -22.92 17.27
CA ALA A 35 -1.32 -22.86 15.86
C ALA A 35 -1.73 -24.07 15.03
N VAL A 36 -1.66 -25.26 15.63
CA VAL A 36 -2.11 -26.50 14.97
C VAL A 36 -3.61 -26.40 14.73
N ALA A 37 -4.39 -26.24 15.80
CA ALA A 37 -5.82 -25.91 15.70
C ALA A 37 -6.16 -24.93 14.54
N TRP A 38 -5.41 -23.83 14.44
CA TRP A 38 -5.66 -22.83 13.39
C TRP A 38 -5.42 -23.42 12.00
N GLU A 39 -4.22 -23.94 11.78
CA GLU A 39 -3.79 -24.39 10.46
C GLU A 39 -4.44 -25.68 9.97
N VAL A 40 -4.81 -26.55 10.93
CA VAL A 40 -5.56 -27.77 10.63
C VAL A 40 -6.96 -27.40 10.22
N THR A 41 -7.60 -26.57 11.04
CA THR A 41 -8.93 -26.06 10.70
C THR A 41 -8.92 -25.46 9.28
N ARG A 42 -7.81 -24.84 8.88
CA ARG A 42 -7.66 -24.30 7.52
C ARG A 42 -7.65 -25.33 6.41
N LEU A 43 -7.08 -26.51 6.67
CA LEU A 43 -7.04 -27.55 5.66
C LEU A 43 -8.41 -28.17 5.50
N PHE A 44 -9.15 -28.22 6.61
CA PHE A 44 -10.49 -28.81 6.60
C PHE A 44 -11.47 -27.94 5.86
N MET A 45 -11.50 -26.65 6.17
CA MET A 45 -12.41 -25.75 5.50
C MET A 45 -12.08 -25.69 4.02
N HIS A 46 -10.79 -25.53 3.69
CA HIS A 46 -10.41 -25.50 2.29
C HIS A 46 -10.80 -26.78 1.51
N CYS A 47 -10.42 -27.96 2.02
CA CYS A 47 -10.75 -29.21 1.31
C CYS A 47 -12.23 -29.56 1.33
N LYS A 48 -13.03 -28.78 2.05
CA LYS A 48 -14.46 -29.04 2.20
C LYS A 48 -14.68 -30.29 3.05
N VAL A 49 -13.94 -30.37 4.17
CA VAL A 49 -14.02 -31.57 5.02
C VAL A 49 -14.61 -31.21 6.39
N ASP A 50 -15.70 -31.88 6.74
CA ASP A 50 -16.34 -31.71 8.05
C ASP A 50 -15.39 -32.09 9.20
N LEU A 51 -15.27 -31.18 10.16
CA LEU A 51 -14.40 -31.38 11.32
C LEU A 51 -15.11 -32.16 12.42
N GLU A 52 -16.41 -32.37 12.26
CA GLU A 52 -17.15 -33.24 13.18
C GLU A 52 -17.61 -34.46 12.40
N ASP A 53 -16.65 -35.10 11.73
CA ASP A 53 -16.91 -36.30 10.92
C ASP A 53 -16.38 -37.53 11.69
N GLU A 54 -17.23 -38.60 11.80
CA GLU A 54 -16.84 -39.78 12.58
C GLU A 54 -16.61 -41.01 11.64
N SER A 55 -16.57 -40.57 10.31
CA SER A 55 -16.30 -41.49 9.21
C SER A 55 -14.79 -41.46 8.89
N LEU A 56 -14.12 -40.40 9.35
CA LEU A 56 -12.71 -40.26 8.91
C LEU A 56 -11.56 -40.89 9.81
N GLY A 57 -12.30 -41.25 11.19
CA GLY A 57 -11.41 -41.77 12.24
C GLY A 57 -10.39 -40.74 12.73
N LEU A 58 -10.92 -39.56 13.13
CA LEU A 58 -10.06 -38.51 13.71
C LEU A 58 -10.36 -38.43 15.22
N LYS A 59 -9.35 -38.44 16.11
CA LYS A 59 -7.92 -38.56 15.80
C LYS A 59 -7.06 -37.55 16.60
N TYR A 60 -5.79 -37.50 16.26
CA TYR A 60 -4.83 -36.46 16.67
C TYR A 60 -3.41 -37.00 16.65
N ASP A 61 -2.65 -36.51 15.68
CA ASP A 61 -1.28 -36.93 15.50
C ASP A 61 -0.42 -36.26 16.55
N PRO A 62 0.21 -37.05 17.43
CA PRO A 62 1.10 -36.46 18.42
C PRO A 62 2.20 -35.66 17.73
N SER A 63 2.61 -36.14 16.55
CA SER A 63 3.69 -35.54 15.78
C SER A 63 3.46 -34.08 15.43
N TRP A 64 2.18 -33.69 15.35
CA TRP A 64 1.81 -32.32 15.03
C TRP A 64 2.32 -31.36 16.10
N SER A 65 2.48 -31.87 17.32
CA SER A 65 2.85 -31.04 18.46
C SER A 65 4.29 -30.53 18.33
N THR A 66 5.12 -31.31 17.65
CA THR A 66 6.53 -31.02 17.48
C THR A 66 6.80 -30.53 16.06
N ALA A 67 5.75 -30.10 15.35
CA ALA A 67 5.88 -29.69 13.96
C ALA A 67 6.51 -28.32 13.76
N ARG A 68 7.35 -28.20 12.74
CA ARG A 68 8.09 -26.98 12.45
C ARG A 68 7.84 -26.55 11.00
N ASP A 69 6.97 -27.31 10.32
CA ASP A 69 6.54 -27.00 8.96
C ASP A 69 5.10 -27.46 8.85
N VAL A 70 4.20 -26.55 8.48
CA VAL A 70 2.78 -26.88 8.44
C VAL A 70 2.52 -28.02 7.45
N THR A 71 3.35 -28.10 6.41
CA THR A 71 3.24 -29.13 5.40
C THR A 71 3.29 -30.53 6.01
N ASP A 72 3.81 -30.60 7.24
CA ASP A 72 3.89 -31.87 7.95
C ASP A 72 2.53 -32.24 8.53
N ILE A 73 1.81 -31.23 9.00
CA ILE A 73 0.44 -31.40 9.50
C ILE A 73 -0.59 -31.25 8.38
N TRP A 74 -0.27 -31.72 7.19
CA TRP A 74 -1.16 -31.53 6.06
C TRP A 74 -0.94 -32.70 5.14
N LYS A 75 0.30 -33.18 5.11
CA LYS A 75 0.61 -34.42 4.42
C LYS A 75 0.16 -35.58 5.31
N THR A 76 -0.36 -35.24 6.49
CA THR A 76 -0.79 -36.25 7.46
C THR A 76 -1.67 -37.31 6.84
N LEU A 77 -2.74 -36.98 6.10
CA LEU A 77 -3.83 -36.07 6.42
C LEU A 77 -5.09 -36.43 5.57
N TYR A 78 -5.02 -36.57 4.24
CA TYR A 78 -4.07 -35.97 3.29
C TYR A 78 -2.73 -36.61 2.93
N ARG A 79 -2.53 -37.94 2.91
CA ARG A 79 -3.38 -39.07 3.39
C ARG A 79 -4.92 -39.10 3.34
N LEU A 80 -5.49 -39.87 4.27
CA LEU A 80 -6.95 -40.07 4.41
C LEU A 80 -7.74 -40.32 3.13
N ASP A 81 -7.36 -39.67 2.02
CA ASP A 81 -8.03 -39.88 0.74
C ASP A 81 -9.11 -38.82 0.50
N ALA A 82 -9.83 -38.45 1.56
CA ALA A 82 -10.87 -37.42 1.45
C ALA A 82 -10.25 -36.03 1.50
N PHE A 83 -8.92 -35.97 1.38
CA PHE A 83 -8.18 -34.71 1.33
C PHE A 83 -7.31 -34.67 0.07
N ARG A 84 -7.88 -34.31 -1.08
CA ARG A 84 -7.08 -34.23 -2.31
C ARG A 84 -7.80 -33.59 -3.51
N GLY A 85 -7.90 -32.26 -3.58
CA GLY A 85 -7.46 -31.34 -2.52
C GLY A 85 -5.97 -31.27 -2.23
N LYS A 86 -5.20 -30.57 -3.05
CA LYS A 86 -5.68 -29.83 -4.22
C LYS A 86 -4.58 -29.08 -5.00
N PRO A 87 -3.55 -28.54 -4.30
CA PRO A 87 -3.20 -28.67 -2.88
C PRO A 87 -3.75 -27.51 -2.07
N PHE A 88 -2.82 -26.82 -1.37
CA PHE A 88 -3.17 -25.63 -0.62
C PHE A 88 -4.21 -26.04 0.42
N PRO A 89 -4.62 -25.12 1.30
CA PRO A 89 -4.41 -23.69 1.51
C PRO A 89 -3.03 -23.13 1.16
N GLU A 90 -2.95 -21.79 1.17
CA GLU A 90 -1.73 -21.05 0.84
C GLU A 90 -0.50 -21.41 1.67
N LYS A 91 -0.68 -21.67 2.97
CA LYS A 91 0.42 -22.13 3.85
C LYS A 91 1.22 -21.01 4.53
N PRO A 92 1.30 -21.05 5.86
CA PRO A 92 2.13 -20.10 6.60
C PRO A 92 3.60 -20.48 6.49
N PRO A 93 4.48 -19.47 6.40
CA PRO A 93 5.94 -19.67 6.37
C PRO A 93 6.46 -20.34 7.64
N ASN A 94 7.49 -21.19 7.47
CA ASN A 94 8.10 -21.91 8.59
C ASN A 94 8.45 -21.02 9.81
N ASP A 95 9.28 -20.00 9.60
CA ASP A 95 9.67 -19.08 10.67
C ASP A 95 8.47 -18.51 11.44
N VAL A 96 7.39 -18.21 10.72
CA VAL A 96 6.13 -17.79 11.31
C VAL A 96 5.49 -18.90 12.16
N PHE A 97 5.34 -20.07 11.52
CA PHE A 97 4.77 -21.24 12.17
C PHE A 97 5.53 -21.67 13.43
N VAL A 98 6.86 -21.75 13.32
CA VAL A 98 7.71 -22.01 14.47
C VAL A 98 7.50 -20.97 15.59
N THR A 99 7.43 -19.69 15.24
CA THR A 99 7.16 -18.66 16.24
C THR A 99 5.82 -18.88 16.95
N ALA A 100 4.78 -19.14 16.18
CA ALA A 100 3.46 -19.43 16.74
C ALA A 100 3.49 -20.72 17.58
N MET A 101 4.34 -21.65 17.19
CA MET A 101 4.40 -22.95 17.85
C MET A 101 5.25 -22.97 19.12
N THR A 102 6.28 -22.14 19.17
CA THR A 102 7.34 -22.34 20.12
C THR A 102 7.93 -21.01 20.59
N GLY A 103 7.45 -19.92 19.98
CA GLY A 103 8.00 -18.60 20.30
C GLY A 103 6.98 -17.60 20.81
N ASN A 104 5.86 -18.08 21.33
CA ASN A 104 4.88 -17.22 22.00
C ASN A 104 4.08 -16.26 21.10
N PHE A 105 4.04 -16.55 19.80
CA PHE A 105 3.33 -15.71 18.84
C PHE A 105 4.01 -14.37 18.61
N GLU A 106 5.25 -14.26 19.06
CA GLU A 106 5.96 -12.98 19.06
C GLU A 106 7.41 -13.21 18.68
N SER A 107 7.86 -12.57 17.61
CA SER A 107 9.25 -12.69 17.20
C SER A 107 9.88 -11.35 16.95
N LYS A 108 10.77 -11.03 17.88
CA LYS A 108 11.15 -9.72 18.29
C LYS A 108 9.98 -8.76 18.26
N GLY A 109 9.94 -7.95 17.22
CA GLY A 109 8.89 -6.94 17.08
C GLY A 109 7.63 -7.46 16.43
N SER A 110 7.73 -8.62 15.79
CA SER A 110 6.64 -9.22 15.03
C SER A 110 5.64 -9.96 15.89
N ALA A 111 4.35 -9.70 15.66
CA ALA A 111 3.28 -10.53 16.19
C ALA A 111 2.84 -11.55 15.12
N VAL A 112 2.49 -12.76 15.55
CA VAL A 112 1.78 -13.69 14.68
C VAL A 112 0.29 -13.28 14.67
N VAL A 113 -0.25 -13.11 13.48
CA VAL A 113 -1.61 -12.57 13.33
C VAL A 113 -2.64 -13.63 12.99
N LEU A 114 -3.71 -13.64 13.79
CA LEU A 114 -4.91 -14.43 13.53
C LEU A 114 -5.93 -13.55 12.81
N SER A 115 -6.21 -13.86 11.54
CA SER A 115 -7.19 -13.11 10.75
C SER A 115 -8.06 -13.97 9.82
N ALA A 116 -9.24 -13.42 9.50
CA ALA A 116 -10.23 -14.08 8.67
C ALA A 116 -10.96 -13.04 7.83
N VAL A 117 -11.45 -13.48 6.69
CA VAL A 117 -12.28 -12.63 5.84
C VAL A 117 -13.63 -13.32 5.68
N LEU A 118 -14.70 -12.57 5.92
CA LEU A 118 -16.04 -13.08 5.71
C LEU A 118 -16.65 -12.45 4.46
N ASP A 119 -17.29 -13.28 3.66
CA ASP A 119 -18.06 -12.83 2.51
C ASP A 119 -19.47 -13.38 2.63
N TYR A 120 -20.44 -12.63 2.11
CA TYR A 120 -21.81 -13.12 2.16
C TYR A 120 -21.96 -14.52 1.58
N ASN A 121 -22.71 -15.37 2.28
CA ASN A 121 -23.02 -16.70 1.83
C ASN A 121 -23.85 -16.63 0.56
N PRO A 122 -23.32 -17.21 -0.55
CA PRO A 122 -24.07 -17.19 -1.81
C PRO A 122 -25.29 -18.09 -1.70
N ASP A 123 -25.41 -18.79 -0.57
CA ASP A 123 -26.45 -19.78 -0.38
C ASP A 123 -27.79 -19.14 -0.08
N ASN A 124 -28.41 -19.56 1.01
CA ASN A 124 -29.72 -19.04 1.33
C ASN A 124 -30.71 -20.06 1.86
N SER A 125 -31.82 -19.45 2.28
CA SER A 125 -32.69 -19.82 3.36
C SER A 125 -32.06 -19.61 4.74
N PRO A 126 -32.88 -19.25 5.74
CA PRO A 126 -32.45 -19.49 7.11
C PRO A 126 -32.77 -20.96 7.37
N THR A 127 -31.78 -21.82 7.67
CA THR A 127 -30.76 -21.59 8.66
C THR A 127 -29.34 -21.72 8.13
N ALA A 128 -29.14 -21.31 6.87
CA ALA A 128 -27.79 -21.16 6.33
C ALA A 128 -27.09 -19.99 7.03
N PRO A 129 -25.77 -20.12 7.25
CA PRO A 129 -24.94 -19.17 7.98
C PRO A 129 -25.24 -17.67 7.75
N LEU A 130 -25.18 -17.21 6.49
CA LEU A 130 -25.19 -15.77 6.13
C LEU A 130 -23.80 -15.33 5.71
N TYR A 131 -22.81 -15.73 6.48
CA TYR A 131 -21.43 -15.43 6.13
C TYR A 131 -20.66 -16.72 5.92
N LEU A 132 -19.79 -16.72 4.92
CA LEU A 132 -18.75 -17.73 4.82
C LEU A 132 -17.48 -17.12 5.40
N VAL A 133 -16.73 -17.93 6.13
CA VAL A 133 -15.53 -17.47 6.82
C VAL A 133 -14.34 -18.15 6.19
N LYS A 134 -13.35 -17.39 5.74
CA LYS A 134 -12.08 -18.04 5.40
C LYS A 134 -10.92 -17.54 6.26
N LEU A 135 -10.25 -18.52 6.86
CA LEU A 135 -9.14 -18.25 7.77
C LEU A 135 -7.86 -18.03 6.98
N LYS A 136 -7.24 -16.87 7.20
CA LYS A 136 -5.98 -16.57 6.57
C LYS A 136 -4.86 -17.44 7.15
N PRO A 137 -3.79 -17.68 6.37
CA PRO A 137 -2.66 -18.40 6.94
C PRO A 137 -2.01 -17.56 8.04
N LEU A 138 -1.43 -18.20 9.05
CA LEU A 138 -0.65 -17.49 10.04
C LEU A 138 0.35 -16.56 9.34
N MET A 139 0.56 -15.37 9.89
CA MET A 139 1.47 -14.41 9.28
C MET A 139 2.12 -13.47 10.31
N PHE A 140 3.24 -12.87 9.94
CA PHE A 140 3.88 -11.83 10.73
C PHE A 140 3.34 -10.48 10.32
N GLU A 141 3.05 -9.66 11.34
CA GLU A 141 2.86 -8.23 11.18
C GLU A 141 3.50 -7.60 12.40
N GLN A 142 3.93 -6.35 12.27
CA GLN A 142 4.51 -5.66 13.40
C GLN A 142 3.47 -5.62 14.52
N GLY A 143 3.93 -5.81 15.76
CA GLY A 143 3.05 -5.77 16.92
C GLY A 143 2.59 -4.35 17.23
N CYS A 144 1.90 -4.22 18.35
CA CYS A 144 1.33 -2.96 18.77
C CYS A 144 1.30 -3.00 20.28
N ARG A 145 0.90 -1.91 20.91
CA ARG A 145 0.94 -1.80 22.36
C ARG A 145 0.19 -2.94 23.00
N LEU A 146 -0.96 -3.24 22.43
CA LEU A 146 -1.91 -4.13 23.02
C LEU A 146 -1.44 -5.59 22.89
N THR A 147 -0.80 -5.94 21.77
CA THR A 147 -0.29 -7.32 21.59
C THR A 147 1.01 -7.54 22.39
N ARG A 148 1.78 -6.48 22.61
CA ARG A 148 2.95 -6.55 23.50
C ARG A 148 2.50 -6.69 24.95
N ARG A 149 1.42 -6.04 25.31
CA ARG A 149 0.95 -6.12 26.67
C ARG A 149 0.28 -7.47 26.99
N PHE A 150 -0.60 -7.95 26.12
CA PHE A 150 -1.44 -9.11 26.44
C PHE A 150 -1.13 -10.38 25.64
N GLY A 151 -0.31 -10.26 24.60
CA GLY A 151 0.04 -11.41 23.78
C GLY A 151 -0.68 -11.39 22.46
N PRO A 152 0.07 -11.57 21.37
CA PRO A 152 -0.45 -11.52 19.99
C PRO A 152 -1.50 -12.59 19.75
N ASP A 153 -1.43 -13.67 20.51
CA ASP A 153 -2.32 -14.83 20.37
C ASP A 153 -3.72 -14.57 20.93
N ARG A 154 -3.90 -13.43 21.60
CA ARG A 154 -5.18 -13.10 22.21
C ARG A 154 -5.96 -12.09 21.38
N PHE A 155 -5.52 -11.86 20.16
CA PHE A 155 -6.17 -10.91 19.28
C PHE A 155 -6.55 -11.57 17.96
N PHE A 156 -7.76 -11.28 17.48
CA PHE A 156 -8.32 -11.83 16.25
C PHE A 156 -9.02 -10.71 15.49
N GLU A 157 -8.79 -10.65 14.18
CA GLU A 157 -9.37 -9.59 13.37
C GLU A 157 -10.01 -10.17 12.11
N ILE A 158 -11.17 -9.62 11.76
CA ILE A 158 -11.84 -10.05 10.56
C ILE A 158 -12.15 -8.87 9.62
N LEU A 159 -12.29 -9.19 8.35
CA LEU A 159 -12.89 -8.28 7.41
C LEU A 159 -14.32 -8.80 7.13
N ILE A 160 -15.30 -7.90 7.24
CA ILE A 160 -16.70 -8.32 7.20
C ILE A 160 -17.53 -7.34 6.38
N PRO A 161 -18.39 -7.86 5.49
CA PRO A 161 -19.19 -6.98 4.66
C PRO A 161 -19.94 -5.95 5.50
N SER A 162 -19.86 -4.69 5.09
CA SER A 162 -20.54 -3.62 5.82
C SER A 162 -22.06 -3.77 5.72
N PRO A 163 -22.74 -3.91 6.86
CA PRO A 163 -24.20 -4.15 6.89
C PRO A 163 -25.08 -2.98 6.46
N THR A 164 -24.48 -1.82 6.18
CA THR A 164 -25.24 -0.66 5.70
C THR A 164 -24.87 -0.34 4.26
N SER A 165 -24.24 -1.31 3.61
CA SER A 165 -23.85 -1.18 2.21
C SER A 165 -25.02 -1.40 1.30
N THR A 166 -25.70 -0.30 1.06
CA THR A 166 -26.34 0.05 -0.18
C THR A 166 -25.27 0.24 -1.29
N SER A 167 -25.35 -0.58 -2.33
CA SER A 167 -26.24 -1.75 -2.43
C SER A 167 -25.46 -2.69 -3.35
N PRO A 168 -26.03 -3.12 -4.49
CA PRO A 168 -27.28 -3.74 -4.84
C PRO A 168 -27.00 -5.25 -4.80
N SER A 169 -25.72 -5.61 -4.72
CA SER A 169 -25.30 -7.01 -4.74
C SER A 169 -25.30 -7.62 -3.33
N VAL A 170 -26.08 -7.04 -2.43
CA VAL A 170 -26.22 -7.59 -1.09
C VAL A 170 -27.50 -8.42 -0.97
N PRO A 171 -27.44 -9.53 -0.22
CA PRO A 171 -28.57 -10.44 0.01
C PRO A 171 -29.82 -9.69 0.50
N PRO A 172 -31.01 -10.11 0.02
CA PRO A 172 -32.30 -9.46 0.31
C PRO A 172 -32.64 -9.48 1.79
N VAL A 173 -32.64 -10.70 2.32
CA VAL A 173 -32.49 -11.06 3.72
C VAL A 173 -31.85 -10.01 4.64
N VAL A 174 -30.82 -9.32 4.15
CA VAL A 174 -30.30 -8.15 4.83
C VAL A 174 -30.72 -6.90 4.07
N SER A 175 -31.30 -5.93 4.77
CA SER A 175 -31.69 -4.69 4.13
C SER A 175 -32.49 -4.91 2.86
N LYS A 176 -33.57 -5.63 3.04
CA LYS A 176 -34.92 -5.22 2.72
C LYS A 176 -35.63 -5.63 4.01
N GLN A 177 -34.87 -5.59 5.10
CA GLN A 177 -35.33 -5.87 6.46
C GLN A 177 -34.76 -4.83 7.40
N PRO A 178 -35.16 -3.55 7.23
CA PRO A 178 -34.55 -2.41 7.94
C PRO A 178 -34.27 -2.73 9.41
N ALA A 179 -33.09 -2.32 9.91
CA ALA A 179 -32.61 -2.77 11.23
C ALA A 179 -33.14 -4.20 11.32
N ALA A 180 -32.47 -5.21 10.78
CA ALA A 180 -31.28 -5.86 11.32
C ALA A 180 -29.85 -5.42 11.05
N VAL A 181 -29.62 -4.16 10.72
CA VAL A 181 -28.27 -3.65 10.86
C VAL A 181 -27.96 -3.73 12.35
N GLU A 182 -29.00 -3.57 13.17
CA GLU A 182 -28.88 -3.68 14.61
C GLU A 182 -28.68 -5.12 15.05
N GLU A 183 -29.15 -6.07 14.24
CA GLU A 183 -28.99 -7.49 14.56
C GLU A 183 -27.58 -7.99 14.26
N VAL A 184 -26.98 -7.45 13.20
CA VAL A 184 -25.61 -7.81 12.84
C VAL A 184 -24.63 -7.33 13.91
N ILE A 185 -24.79 -6.06 14.30
CA ILE A 185 -23.95 -5.47 15.33
C ILE A 185 -24.16 -6.21 16.66
N GLN A 186 -25.41 -6.52 16.98
CA GLN A 186 -25.69 -7.24 18.21
C GLN A 186 -24.99 -8.60 18.21
N TRP A 187 -25.02 -9.29 17.08
CA TRP A 187 -24.29 -10.55 16.93
C TRP A 187 -22.81 -10.34 17.19
N LEU A 188 -22.26 -9.27 16.63
CA LEU A 188 -20.84 -8.92 16.75
C LEU A 188 -20.40 -8.63 18.17
N THR A 189 -21.25 -7.90 18.90
CA THR A 189 -20.82 -7.24 20.13
C THR A 189 -21.43 -7.79 21.42
N MET A 190 -22.62 -8.37 21.34
CA MET A 190 -23.39 -8.67 22.55
C MET A 190 -22.86 -9.83 23.38
N GLY A 191 -22.08 -10.70 22.76
CA GLY A 191 -21.55 -11.87 23.46
C GLY A 191 -20.26 -12.40 22.87
N GLN A 192 -19.81 -13.53 23.39
CA GLN A 192 -18.56 -14.14 22.93
C GLN A 192 -18.74 -15.03 21.71
N HIS A 193 -17.67 -15.13 20.92
CA HIS A 193 -17.64 -15.92 19.71
C HIS A 193 -16.62 -17.04 19.91
N SER A 194 -17.02 -18.28 19.69
CA SER A 194 -16.13 -19.42 19.86
C SER A 194 -15.38 -19.71 18.57
N LEU A 195 -14.05 -19.65 18.65
CA LEU A 195 -13.20 -19.93 17.49
C LEU A 195 -11.87 -20.53 17.94
N VAL A 196 -11.62 -21.73 17.43
CA VAL A 196 -10.43 -22.53 17.74
C VAL A 196 -10.18 -22.66 19.25
N GLY A 197 -11.26 -22.84 20.01
CA GLY A 197 -11.17 -23.14 21.43
C GLY A 197 -10.97 -21.94 22.31
N ARG A 198 -11.05 -20.75 21.72
CA ARG A 198 -11.07 -19.49 22.46
C ARG A 198 -12.42 -18.77 22.37
N GLN A 199 -12.64 -17.89 23.33
CA GLN A 199 -13.86 -17.10 23.41
C GLN A 199 -13.55 -15.65 23.07
N TRP A 200 -13.94 -15.25 21.87
CA TRP A 200 -13.57 -13.93 21.36
C TRP A 200 -14.66 -12.90 21.56
N ARG A 201 -14.25 -11.74 22.06
CA ARG A 201 -15.17 -10.63 22.29
C ARG A 201 -14.71 -9.39 21.53
N ALA A 202 -15.65 -8.77 20.84
CA ALA A 202 -15.42 -7.59 20.03
C ALA A 202 -15.13 -6.38 20.89
N PHE A 203 -14.14 -5.58 20.50
CA PHE A 203 -13.78 -4.36 21.23
C PHE A 203 -13.48 -3.17 20.30
N PHE A 204 -13.23 -3.45 19.02
CA PHE A 204 -12.99 -2.37 18.06
C PHE A 204 -13.46 -2.69 16.63
N ALA A 205 -13.85 -1.64 15.92
CA ALA A 205 -14.22 -1.70 14.51
C ALA A 205 -13.79 -0.41 13.79
N LYS A 206 -13.43 -0.55 12.53
CA LYS A 206 -12.89 0.54 11.75
C LYS A 206 -12.98 0.16 10.28
N ASP A 207 -12.80 1.13 9.39
CA ASP A 207 -12.73 0.87 7.95
C ASP A 207 -11.42 0.13 7.62
N ALA A 208 -11.41 -0.55 6.48
CA ALA A 208 -10.32 -1.49 6.16
C ALA A 208 -9.03 -0.82 5.66
N GLY A 209 -7.89 -1.46 5.97
CA GLY A 209 -6.56 -0.96 5.60
C GLY A 209 -6.21 -1.11 4.13
N PRO A 224 -19.33 -6.72 -10.38
CA PRO A 224 -18.59 -5.46 -10.46
C PRO A 224 -18.30 -4.85 -9.09
N LYS A 225 -18.93 -3.71 -8.78
CA LYS A 225 -18.67 -2.93 -7.57
C LYS A 225 -18.83 -3.70 -6.26
N PRO A 226 -17.70 -4.05 -5.62
CA PRO A 226 -17.69 -4.86 -4.41
C PRO A 226 -18.36 -4.20 -3.20
N ILE A 227 -18.76 -5.01 -2.24
CA ILE A 227 -19.30 -4.56 -0.97
C ILE A 227 -18.15 -4.28 -0.02
N ILE A 228 -18.01 -3.02 0.37
CA ILE A 228 -16.94 -2.62 1.30
C ILE A 228 -17.01 -3.43 2.60
N LYS A 229 -15.84 -3.82 3.10
CA LYS A 229 -15.78 -4.58 4.34
C LYS A 229 -15.27 -3.68 5.45
N GLU A 230 -15.66 -3.99 6.69
CA GLU A 230 -15.14 -3.28 7.85
C GLU A 230 -14.28 -4.25 8.65
N ARG A 231 -13.22 -3.73 9.25
CA ARG A 231 -12.32 -4.55 10.07
C ARG A 231 -12.79 -4.58 11.52
N VAL A 232 -12.99 -5.78 12.07
CA VAL A 232 -13.41 -5.90 13.45
C VAL A 232 -12.39 -6.69 14.26
N HIS A 233 -12.15 -6.22 15.49
CA HIS A 233 -11.16 -6.77 16.38
C HIS A 233 -11.77 -7.42 17.61
N PHE A 234 -11.29 -8.63 17.90
CA PHE A 234 -11.78 -9.45 18.99
C PHE A 234 -10.65 -9.74 19.95
N PHE A 235 -11.00 -9.89 21.23
CA PHE A 235 -10.04 -10.23 22.25
C PHE A 235 -10.45 -11.55 22.88
N ALA A 236 -9.49 -12.47 23.00
CA ALA A 236 -9.71 -13.73 23.66
C ALA A 236 -9.89 -13.51 25.16
N GLU A 237 -11.14 -13.50 25.62
CA GLU A 237 -11.43 -13.25 27.03
C GLU A 237 -11.21 -14.48 27.90
N THR A 238 -11.39 -15.65 27.28
CA THR A 238 -11.13 -16.94 27.89
C THR A 238 -11.05 -17.98 26.78
N GLY A 239 -10.87 -19.24 27.18
CA GLY A 239 -10.71 -20.34 26.23
C GLY A 239 -10.27 -21.56 27.01
N ILE A 240 -10.37 -22.74 26.42
CA ILE A 240 -10.03 -23.96 27.14
C ILE A 240 -8.51 -24.15 27.29
N THR A 241 -7.92 -23.32 28.14
CA THR A 241 -6.48 -23.31 28.38
C THR A 241 -6.20 -22.20 29.36
N PHE A 242 -7.18 -21.31 29.52
CA PHE A 242 -7.10 -20.17 30.41
C PHE A 242 -7.53 -20.57 31.82
N ARG A 243 -7.50 -19.63 32.74
CA ARG A 243 -7.76 -19.89 34.16
C ARG A 243 -8.21 -18.61 34.84
N PRO A 244 -9.10 -18.73 35.85
CA PRO A 244 -9.49 -17.53 36.61
C PRO A 244 -8.37 -17.19 37.58
N ASP A 245 -8.34 -16.06 38.30
CA ASP A 245 -8.69 -14.71 37.93
C ASP A 245 -8.99 -13.89 39.18
N VAL A 246 -8.45 -12.67 39.23
CA VAL A 246 -8.76 -11.67 40.27
C VAL A 246 -8.77 -12.18 41.73
N PHE A 247 -7.65 -12.74 42.19
CA PHE A 247 -6.45 -12.97 41.39
C PHE A 247 -5.97 -14.42 41.48
N GLN A 261 -1.88 -21.16 28.38
CA GLN A 261 -1.00 -20.12 28.93
C GLN A 261 -1.27 -19.80 30.43
N ARG A 262 -2.12 -18.85 30.86
CA ARG A 262 -2.80 -17.75 30.20
C ARG A 262 -4.09 -17.51 31.01
N THR A 263 -4.29 -16.30 31.52
CA THR A 263 -5.40 -16.02 32.45
C THR A 263 -6.63 -15.36 31.79
N GLU A 264 -7.81 -15.71 32.27
CA GLU A 264 -9.05 -15.06 31.83
C GLU A 264 -8.94 -13.57 32.09
N PHE A 265 -9.52 -12.78 31.19
CA PHE A 265 -9.42 -11.33 31.26
C PHE A 265 -10.45 -10.72 30.30
N LYS A 266 -11.26 -9.81 30.82
CA LYS A 266 -12.34 -9.24 30.04
C LYS A 266 -11.87 -8.08 29.18
N VAL A 267 -12.64 -7.78 28.15
CA VAL A 267 -12.42 -6.64 27.28
C VAL A 267 -12.53 -5.30 28.04
N SER A 268 -13.44 -5.24 29.02
CA SER A 268 -13.64 -4.02 29.79
C SER A 268 -12.42 -3.71 30.62
N GLN A 269 -11.74 -4.77 31.07
CA GLN A 269 -10.51 -4.60 31.84
C GLN A 269 -9.36 -4.20 30.94
N MET A 270 -9.29 -4.83 29.78
CA MET A 270 -8.26 -4.50 28.83
C MET A 270 -8.34 -3.04 28.38
N LEU A 271 -9.55 -2.57 28.11
CA LEU A 271 -9.74 -1.20 27.68
C LEU A 271 -9.52 -0.25 28.83
N ASP A 272 -9.85 -0.68 30.05
CA ASP A 272 -9.56 0.13 31.22
C ASP A 272 -8.05 0.29 31.40
N TRP A 273 -7.29 -0.78 31.13
CA TRP A 273 -5.84 -0.72 31.21
C TRP A 273 -5.30 0.28 30.19
N LEU A 274 -5.87 0.23 28.98
CA LEU A 274 -5.43 1.09 27.89
C LEU A 274 -5.74 2.55 28.17
N LEU A 275 -6.96 2.84 28.63
CA LEU A 275 -7.49 4.20 28.58
C LEU A 275 -7.65 4.87 29.93
N GLN A 276 -7.35 4.11 30.98
CA GLN A 276 -7.48 4.62 32.34
C GLN A 276 -8.81 5.37 32.50
N LEU A 277 -9.88 4.61 32.29
CA LEU A 277 -11.24 5.11 32.14
C LEU A 277 -11.77 5.95 33.30
N ASP A 278 -11.31 5.65 34.52
CA ASP A 278 -11.78 6.33 35.73
C ASP A 278 -11.56 7.83 35.55
N ASN A 279 -10.49 8.17 34.83
CA ASN A 279 -10.05 9.56 34.67
C ASN A 279 -10.47 10.20 33.36
N ASN A 280 -11.35 9.52 32.63
CA ASN A 280 -11.72 9.94 31.29
C ASN A 280 -13.19 9.81 31.01
N THR A 281 -13.99 9.85 32.07
CA THR A 281 -15.44 9.74 31.92
C THR A 281 -16.03 11.02 31.36
N TRP A 282 -15.24 12.10 31.41
CA TRP A 282 -15.67 13.41 30.93
C TRP A 282 -15.69 13.41 29.41
N GLN A 283 -15.04 12.43 28.81
CA GLN A 283 -14.89 12.40 27.36
C GLN A 283 -16.14 11.93 26.64
N PRO A 284 -16.43 12.52 25.48
CA PRO A 284 -17.47 11.96 24.62
C PRO A 284 -17.08 10.52 24.28
N HIS A 285 -18.02 9.60 24.47
CA HIS A 285 -17.68 8.18 24.44
C HIS A 285 -17.29 7.68 23.06
N LEU A 286 -17.85 8.28 22.01
CA LEU A 286 -17.45 7.96 20.66
C LEU A 286 -15.99 8.37 20.44
N LYS A 287 -15.62 9.54 20.95
CA LYS A 287 -14.23 10.01 20.86
C LYS A 287 -13.28 9.11 21.65
N LEU A 288 -13.69 8.72 22.84
CA LEU A 288 -12.93 7.78 23.67
C LEU A 288 -12.72 6.42 22.98
N PHE A 289 -13.78 5.85 22.45
CA PHE A 289 -13.70 4.65 21.61
C PHE A 289 -12.69 4.81 20.47
N SER A 290 -12.70 5.95 19.79
CA SER A 290 -11.75 6.17 18.70
C SER A 290 -10.29 6.08 19.15
N ARG A 291 -9.99 6.43 20.41
CA ARG A 291 -8.62 6.27 20.94
C ARG A 291 -8.12 4.83 21.05
N ILE A 292 -9.02 3.85 20.97
CA ILE A 292 -8.62 2.47 21.05
C ILE A 292 -7.60 2.17 19.94
N GLN A 293 -7.76 2.83 18.80
CA GLN A 293 -6.85 2.63 17.69
C GLN A 293 -5.38 2.89 18.05
N LEU A 294 -5.14 3.78 19.02
CA LEU A 294 -3.79 4.04 19.53
C LEU A 294 -3.13 2.82 20.23
N GLY A 295 -3.91 1.86 20.70
CA GLY A 295 -3.36 0.62 21.27
C GLY A 295 -3.15 -0.43 20.18
N LEU A 296 -3.75 -0.19 19.02
CA LEU A 296 -3.68 -1.11 17.91
C LEU A 296 -2.69 -0.68 16.85
N SER A 297 -2.23 0.54 16.98
CA SER A 297 -1.32 1.11 16.03
C SER A 297 -0.06 0.24 15.95
N LYS A 298 0.33 -0.13 14.74
CA LYS A 298 1.53 -0.94 14.53
C LYS A 298 2.80 -0.15 14.74
N THR A 299 3.57 -0.51 15.74
CA THR A 299 4.65 0.37 16.12
C THR A 299 5.83 -0.42 16.60
N TYR A 300 6.96 0.84 16.43
CA TYR A 300 8.18 0.23 16.90
C TYR A 300 8.44 0.71 18.30
N ALA A 301 8.48 -0.20 19.26
CA ALA A 301 8.89 0.15 20.60
C ALA A 301 10.38 0.51 20.63
N ILE A 302 10.69 1.69 21.16
CA ILE A 302 12.07 2.15 21.13
C ILE A 302 12.78 1.93 22.44
N MET A 303 12.20 2.45 23.52
CA MET A 303 12.85 2.51 24.82
C MET A 303 11.80 2.96 25.84
N THR A 304 12.02 2.60 27.10
CA THR A 304 11.12 2.98 28.16
C THR A 304 11.83 4.05 28.98
N LEU A 305 11.24 5.22 29.08
CA LEU A 305 11.81 6.30 29.88
C LEU A 305 11.38 6.23 31.34
N GLU A 306 12.32 6.51 32.24
CA GLU A 306 12.02 6.66 33.66
C GLU A 306 11.15 7.88 33.87
N PRO A 307 10.31 7.87 34.93
CA PRO A 307 9.49 9.02 35.29
C PRO A 307 10.26 10.36 35.42
N HIS A 308 11.44 10.34 36.04
CA HIS A 308 12.20 11.58 36.21
C HIS A 308 12.72 12.09 34.86
N GLN A 309 12.64 11.24 33.83
CA GLN A 309 13.05 11.63 32.49
C GLN A 309 11.92 12.16 31.61
N ILE A 310 10.73 12.33 32.19
CA ILE A 310 9.60 12.79 31.40
C ILE A 310 9.12 14.15 31.89
N ARG A 311 8.89 15.07 30.95
CA ARG A 311 8.41 16.41 31.28
C ARG A 311 7.02 16.64 30.72
N HIS A 312 6.00 16.60 31.58
CA HIS A 312 4.65 16.89 31.15
C HIS A 312 4.39 18.37 31.32
N HIS A 313 4.15 19.09 30.23
CA HIS A 313 3.79 20.50 30.30
C HIS A 313 2.31 20.65 30.56
N LYS A 314 1.95 21.62 31.41
CA LYS A 314 0.56 21.88 31.75
C LYS A 314 -0.10 22.77 30.71
N THR A 315 0.73 23.45 29.92
CA THR A 315 0.21 24.37 28.93
C THR A 315 0.95 24.26 27.60
N ASP A 316 0.24 24.50 26.52
CA ASP A 316 0.84 24.49 25.20
C ASP A 316 1.54 25.82 25.02
N LEU A 317 2.34 25.93 23.96
CA LEU A 317 2.87 27.22 23.52
C LEU A 317 1.70 27.98 22.89
N LEU A 318 1.43 29.18 23.39
CA LEU A 318 0.26 29.92 22.94
C LEU A 318 0.68 31.11 22.09
N SER A 319 -0.26 31.63 21.32
CA SER A 319 0.01 32.78 20.48
C SER A 319 0.52 33.96 21.32
N PRO A 320 1.59 34.61 20.84
CA PRO A 320 2.17 35.77 21.50
C PRO A 320 1.19 36.93 21.56
N SER A 321 0.19 36.92 20.68
CA SER A 321 -0.73 38.06 20.56
C SER A 321 -1.93 37.98 21.49
N GLY A 322 -2.09 36.86 22.16
CA GLY A 322 -3.14 36.73 23.16
C GLY A 322 -4.40 36.09 22.63
N THR A 323 -4.37 35.62 21.38
CA THR A 323 -5.50 34.91 20.81
C THR A 323 -5.81 33.62 21.60
N GLY A 324 -4.88 33.19 22.45
CA GLY A 324 -5.03 31.92 23.17
C GLY A 324 -4.83 30.70 22.26
N GLU A 325 -4.49 30.96 21.01
CA GLU A 325 -4.28 29.92 20.01
C GLU A 325 -3.06 29.05 20.29
N VAL A 326 -3.21 27.74 20.17
CA VAL A 326 -2.12 26.80 20.40
C VAL A 326 -1.21 26.83 19.17
N MET A 327 0.09 27.01 19.42
CA MET A 327 1.09 27.24 18.38
C MET A 327 1.94 26.02 18.08
N ASN A 328 1.82 24.98 18.92
CA ASN A 328 2.60 23.74 18.75
C ASN A 328 1.72 22.50 18.87
N ASP A 329 0.51 22.58 18.31
CA ASP A 329 -0.48 21.54 18.44
C ASP A 329 0.02 20.18 17.96
N GLY A 330 0.33 19.28 18.90
CA GLY A 330 0.69 17.90 18.55
C GLY A 330 2.17 17.62 18.51
N VAL A 331 2.97 18.65 18.82
CA VAL A 331 4.41 18.50 18.74
C VAL A 331 5.15 18.87 20.03
N GLY A 332 6.20 18.09 20.31
CA GLY A 332 7.04 18.27 21.49
C GLY A 332 8.50 18.01 21.21
N ARG A 333 9.35 18.35 22.19
CA ARG A 333 10.76 18.02 22.10
C ARG A 333 11.18 16.69 22.73
N MET A 334 12.28 16.13 22.22
CA MET A 334 12.95 15.00 22.86
C MET A 334 14.43 15.33 22.95
N SER A 335 15.14 14.69 23.88
CA SER A 335 16.58 14.85 23.93
C SER A 335 17.27 14.24 22.70
N ARG A 336 18.54 14.59 22.52
CA ARG A 336 19.33 14.05 21.41
C ARG A 336 19.63 12.56 21.60
N SER A 337 19.85 12.16 22.86
CA SER A 337 20.15 10.76 23.16
C SER A 337 18.95 9.85 22.86
N VAL A 338 17.75 10.38 23.03
CA VAL A 338 16.54 9.65 22.70
C VAL A 338 16.45 9.40 21.19
N ALA A 339 16.81 10.41 20.42
CA ALA A 339 16.80 10.28 18.97
C ALA A 339 17.89 9.34 18.49
N LYS A 340 19.04 9.32 19.16
CA LYS A 340 20.08 8.37 18.81
C LYS A 340 19.64 6.95 19.14
N ARG A 341 18.91 6.77 20.25
CA ARG A 341 18.35 5.44 20.55
C ARG A 341 17.38 4.98 19.47
N ILE A 342 16.60 5.91 18.91
CA ILE A 342 15.72 5.58 17.80
C ILE A 342 16.53 5.15 16.54
N ARG A 343 17.55 5.93 16.17
CA ARG A 343 18.44 5.48 15.10
C ARG A 343 18.95 4.06 15.38
N ASP A 344 19.42 3.85 16.60
CA ASP A 344 19.96 2.59 17.05
C ASP A 344 18.95 1.46 16.91
N VAL A 345 17.81 1.52 17.61
CA VAL A 345 16.92 0.37 17.58
C VAL A 345 16.30 0.10 16.22
N LEU A 346 16.08 1.16 15.43
CA LEU A 346 15.49 1.02 14.10
C LEU A 346 16.55 0.73 13.05
N GLY A 347 17.83 0.95 13.38
CA GLY A 347 18.91 0.66 12.43
C GLY A 347 18.96 1.66 11.29
N LEU A 348 18.74 2.94 11.63
CA LEU A 348 18.76 4.04 10.65
C LEU A 348 20.19 4.44 10.31
N GLY A 349 20.40 4.99 9.13
CA GLY A 349 21.75 5.37 8.75
C GLY A 349 22.20 6.65 9.44
N ASP A 350 21.26 7.30 10.10
CA ASP A 350 21.46 8.65 10.58
C ASP A 350 20.47 8.94 11.71
N VAL A 351 20.85 9.78 12.65
CA VAL A 351 19.92 10.25 13.67
C VAL A 351 18.83 11.10 13.01
N PRO A 352 17.55 10.74 13.21
CA PRO A 352 16.43 11.47 12.65
C PRO A 352 16.15 12.68 13.51
N SER A 353 15.87 13.82 12.89
CA SER A 353 15.53 15.04 13.62
C SER A 353 14.16 15.01 14.25
N ALA A 354 13.22 14.32 13.62
CA ALA A 354 11.88 14.19 14.19
C ALA A 354 11.26 12.82 13.88
N VAL A 355 10.34 12.42 14.75
CA VAL A 355 9.61 11.18 14.58
C VAL A 355 8.12 11.34 14.87
N GLN A 356 7.30 10.56 14.17
CA GLN A 356 5.87 10.46 14.52
C GLN A 356 5.71 9.32 15.49
N GLY A 357 5.03 9.56 16.60
CA GLY A 357 4.97 8.53 17.61
C GLY A 357 3.87 8.62 18.62
N ARG A 358 3.99 7.76 19.62
CA ARG A 358 3.08 7.70 20.76
C ARG A 358 3.91 7.52 22.03
N PHE A 359 3.32 7.90 23.15
CA PHE A 359 4.01 7.82 24.41
C PHE A 359 2.93 8.04 25.44
N GLY A 360 2.51 6.95 26.10
CA GLY A 360 1.36 7.01 27.01
C GLY A 360 0.16 7.54 26.26
N SER A 361 -0.49 8.55 26.82
CA SER A 361 -1.65 9.14 26.15
C SER A 361 -1.25 10.14 25.08
N ALA A 362 0.06 10.37 24.93
CA ALA A 362 0.56 11.40 24.02
C ALA A 362 0.75 10.84 22.63
N LYS A 363 0.37 11.65 21.65
CA LYS A 363 0.45 11.25 20.28
C LYS A 363 0.88 12.47 19.48
N GLY A 364 1.81 12.29 18.54
CA GLY A 364 2.15 13.35 17.62
C GLY A 364 3.57 13.24 17.14
N MET A 365 4.22 14.39 17.03
CA MET A 365 5.61 14.48 16.65
C MET A 365 6.48 14.87 17.82
N TRP A 366 7.70 14.37 17.80
CA TRP A 366 8.75 14.84 18.68
C TRP A 366 9.95 15.21 17.85
N VAL A 367 10.52 16.37 18.17
CA VAL A 367 11.65 16.89 17.45
C VAL A 367 12.84 17.03 18.40
N ILE A 368 14.05 16.73 17.90
CA ILE A 368 15.21 16.92 18.74
C ILE A 368 15.31 18.37 19.22
N ASP A 369 15.63 18.56 20.50
CA ASP A 369 15.83 19.90 21.04
C ASP A 369 17.23 20.41 20.64
N VAL A 370 17.29 21.45 19.81
CA VAL A 370 18.57 21.96 19.34
C VAL A 370 19.46 22.50 20.48
N ASP A 371 18.85 22.84 21.62
CA ASP A 371 19.57 23.34 22.76
C ASP A 371 20.13 22.23 23.65
N ASP A 372 19.78 20.98 23.39
CA ASP A 372 20.31 19.85 24.15
C ASP A 372 21.81 19.61 23.89
N THR A 373 22.64 19.94 24.87
CA THR A 373 24.07 19.63 24.80
C THR A 373 24.42 18.54 25.79
N GLY A 374 23.44 18.10 26.57
CA GLY A 374 23.66 17.00 27.51
C GLY A 374 23.68 15.65 26.81
N ASP A 375 23.74 14.58 27.59
CA ASP A 375 23.64 13.23 27.04
C ASP A 375 22.64 12.41 27.86
N GLU A 376 21.73 13.11 28.53
CA GLU A 376 20.70 12.48 29.33
C GLU A 376 19.40 12.33 28.53
N ASP A 377 18.72 11.19 28.70
CA ASP A 377 17.46 10.87 28.02
C ASP A 377 16.30 11.63 28.62
N TRP A 378 15.57 12.37 27.78
CA TRP A 378 14.33 12.98 28.25
C TRP A 378 13.38 13.23 27.09
N ILE A 379 12.09 13.36 27.41
CA ILE A 379 11.10 13.70 26.41
C ILE A 379 10.08 14.58 27.10
N GLU A 380 9.35 15.38 26.34
CA GLU A 380 8.26 16.14 26.92
C GLU A 380 6.92 15.83 26.23
N THR A 381 5.81 16.14 26.92
CA THR A 381 4.47 16.06 26.35
C THR A 381 3.75 17.37 26.59
N TYR A 382 2.78 17.66 25.74
CA TYR A 382 2.01 18.89 25.86
C TYR A 382 0.57 18.50 25.91
N PRO A 383 -0.28 19.37 26.47
CA PRO A 383 -1.73 19.07 26.54
C PRO A 383 -2.33 18.68 25.19
N SER A 384 -1.93 19.36 24.12
CA SER A 384 -2.46 19.08 22.79
C SER A 384 -2.08 17.69 22.27
N GLN A 385 -1.03 17.09 22.82
CA GLN A 385 -0.62 15.74 22.44
C GLN A 385 -1.35 14.66 23.25
N ARG A 386 -1.73 15.00 24.47
CA ARG A 386 -2.30 13.98 25.37
C ARG A 386 -3.80 13.76 25.16
N LYS A 387 -4.17 12.53 24.79
CA LYS A 387 -5.50 12.21 24.34
C LYS A 387 -6.37 11.63 25.47
N TRP A 388 -5.76 11.33 26.61
CA TRP A 388 -6.52 11.04 27.81
C TRP A 388 -5.64 11.33 29.02
N GLU A 389 -6.23 11.33 30.21
CA GLU A 389 -5.47 11.56 31.42
C GLU A 389 -4.79 10.24 31.81
N CYS A 390 -3.46 10.26 31.81
CA CYS A 390 -2.63 9.08 32.00
C CYS A 390 -1.70 9.35 33.19
N ASP A 391 -1.52 8.33 34.04
CA ASP A 391 -0.63 8.49 35.18
C ASP A 391 0.79 8.16 34.76
N PHE A 392 0.91 7.48 33.61
CA PHE A 392 2.21 7.15 33.06
C PHE A 392 3.01 6.23 34.03
N VAL A 393 2.31 5.43 34.82
CA VAL A 393 2.98 4.57 35.80
C VAL A 393 3.58 3.27 35.20
N ASP A 394 2.78 2.46 34.52
CA ASP A 394 3.35 1.20 34.02
C ASP A 394 4.34 1.47 32.89
N LYS A 395 5.28 0.55 32.70
CA LYS A 395 6.34 0.78 31.72
C LYS A 395 5.81 0.92 30.27
N HIS A 396 4.70 0.26 29.96
CA HIS A 396 4.08 0.40 28.64
C HIS A 396 3.46 1.78 28.40
N GLN A 397 3.16 2.53 29.47
CA GLN A 397 2.72 3.93 29.33
C GLN A 397 3.90 4.90 29.14
N ARG A 398 5.11 4.41 29.37
CA ARG A 398 6.31 5.25 29.37
C ARG A 398 7.30 4.79 28.30
N THR A 399 6.81 3.95 27.38
CA THR A 399 7.59 3.48 26.27
C THR A 399 7.32 4.35 25.03
N LEU A 400 8.37 4.96 24.50
CA LEU A 400 8.29 5.68 23.23
C LEU A 400 8.09 4.69 22.08
N GLU A 401 6.99 4.87 21.35
CA GLU A 401 6.69 4.01 20.20
C GLU A 401 6.67 4.84 18.91
N VAL A 402 7.40 4.36 17.90
CA VAL A 402 7.56 5.12 16.67
C VAL A 402 6.68 4.58 15.52
N ARG A 403 5.89 5.47 14.95
CA ARG A 403 5.05 5.17 13.79
C ARG A 403 5.86 5.37 12.50
N SER A 404 6.51 6.53 12.39
CA SER A 404 7.35 6.86 11.24
C SER A 404 8.42 7.91 11.61
N VAL A 405 9.42 8.08 10.74
CA VAL A 405 10.54 8.98 11.04
C VAL A 405 10.72 9.94 9.88
N ALA A 406 11.20 11.16 10.16
CA ALA A 406 11.57 12.08 9.08
C ALA A 406 12.72 11.50 8.25
N SER A 407 12.47 11.34 6.95
CA SER A 407 13.36 10.60 6.08
C SER A 407 13.76 11.47 4.92
N GLU A 408 14.72 11.01 4.13
CA GLU A 408 15.20 11.77 3.01
C GLU A 408 14.05 12.01 2.07
N LEU A 409 14.01 13.20 1.48
CA LEU A 409 12.90 13.64 0.66
C LEU A 409 13.06 13.30 -0.81
N LYS A 410 11.96 13.36 -1.52
CA LYS A 410 11.85 12.95 -2.90
C LYS A 410 10.93 14.02 -3.53
N SER A 411 11.08 14.31 -4.82
CA SER A 411 10.22 15.27 -5.54
C SER A 411 8.75 14.88 -5.46
N ALA A 412 7.88 15.86 -5.25
CA ALA A 412 6.47 15.63 -5.01
C ALA A 412 5.61 15.80 -6.25
N GLY A 413 5.99 16.73 -7.11
CA GLY A 413 5.15 17.09 -8.24
C GLY A 413 3.88 17.83 -7.83
N LEU A 414 3.02 18.07 -8.79
CA LEU A 414 1.84 18.86 -8.58
C LEU A 414 0.65 17.95 -8.77
N ASN A 415 -0.21 17.82 -7.77
CA ASN A 415 -1.43 17.06 -7.97
C ASN A 415 -2.53 17.98 -8.45
N LEU A 416 -3.41 17.41 -9.24
CA LEU A 416 -4.39 18.17 -9.96
C LEU A 416 -5.41 18.83 -9.03
N GLN A 417 -5.58 18.28 -7.83
CA GLN A 417 -6.43 18.93 -6.83
C GLN A 417 -5.93 20.29 -6.27
N LEU A 418 -4.62 20.50 -6.27
CA LEU A 418 -4.00 21.79 -5.94
C LEU A 418 -4.26 22.86 -7.01
N LEU A 419 -4.43 22.41 -8.25
CA LEU A 419 -4.50 23.28 -9.44
C LEU A 419 -5.60 24.36 -9.45
N PRO A 420 -6.84 23.99 -9.11
CA PRO A 420 -7.93 24.95 -9.03
C PRO A 420 -7.65 26.10 -8.05
N VAL A 421 -7.09 25.78 -6.88
CA VAL A 421 -6.69 26.78 -5.89
C VAL A 421 -5.51 27.63 -6.35
N LEU A 422 -4.54 27.01 -7.01
CA LEU A 422 -3.39 27.71 -7.59
C LEU A 422 -3.85 28.66 -8.68
N GLU A 423 -4.79 28.21 -9.50
CA GLU A 423 -5.38 29.04 -10.55
C GLU A 423 -6.20 30.20 -9.95
N ASP A 424 -6.98 29.88 -8.92
CA ASP A 424 -7.78 30.86 -8.23
C ASP A 424 -6.91 31.99 -7.68
N ARG A 425 -5.71 31.63 -7.23
CA ARG A 425 -4.84 32.52 -6.49
C ARG A 425 -3.78 33.20 -7.39
N ALA A 426 -3.80 32.86 -8.67
CA ALA A 426 -2.92 33.46 -9.65
C ALA A 426 -3.16 34.95 -9.94
N ARG A 427 -2.09 35.75 -9.83
CA ARG A 427 -2.13 37.14 -10.22
C ARG A 427 -2.58 37.26 -11.68
N ASP A 428 -2.05 36.33 -12.48
CA ASP A 428 -2.50 36.29 -13.89
C ASP A 428 -2.79 34.84 -14.38
N LYS A 429 -4.06 34.53 -14.56
CA LYS A 429 -4.53 33.16 -14.77
C LYS A 429 -4.29 32.62 -16.17
N VAL A 430 -4.33 33.50 -17.17
CA VAL A 430 -4.12 33.14 -18.56
C VAL A 430 -2.67 32.70 -18.75
N LYS A 431 -1.77 33.39 -18.05
CA LYS A 431 -0.34 33.10 -18.15
C LYS A 431 0.00 31.86 -17.34
N MET A 432 -0.63 31.72 -16.18
CA MET A 432 -0.44 30.56 -15.36
C MET A 432 -0.73 29.31 -16.21
N ARG A 433 -1.87 29.31 -16.87
CA ARG A 433 -2.39 28.17 -17.63
C ARG A 433 -1.64 27.90 -18.95
N GLN A 434 -1.17 28.96 -19.60
CA GLN A 434 -0.27 28.81 -20.73
C GLN A 434 1.03 28.12 -20.30
N ALA A 435 1.58 28.60 -19.19
CA ALA A 435 2.82 28.08 -18.59
C ALA A 435 2.74 26.61 -18.18
N ILE A 436 1.60 26.22 -17.60
CA ILE A 436 1.40 24.85 -17.11
C ILE A 436 1.27 23.88 -18.26
N GLY A 437 0.59 24.29 -19.32
CA GLY A 437 0.54 23.52 -20.55
C GLY A 437 1.89 23.38 -21.24
N ASP A 438 2.62 24.47 -21.35
CA ASP A 438 3.97 24.42 -21.90
C ASP A 438 4.84 23.44 -21.10
N ARG A 439 4.81 23.55 -19.78
CA ARG A 439 5.54 22.64 -18.90
C ARG A 439 5.22 21.16 -19.15
N LEU A 440 3.95 20.82 -19.29
CA LEU A 440 3.51 19.45 -19.56
C LEU A 440 4.02 18.97 -20.94
N ILE A 441 3.91 19.82 -21.96
CA ILE A 441 4.44 19.54 -23.31
C ILE A 441 5.95 19.26 -23.28
N ASN A 442 6.69 20.14 -22.62
CA ASN A 442 8.13 20.03 -22.48
C ASN A 442 8.56 18.79 -21.74
N ASP A 443 7.97 18.54 -20.57
CA ASP A 443 8.35 17.35 -19.82
C ASP A 443 8.12 16.07 -20.62
N LEU A 444 7.00 16.02 -21.33
CA LEU A 444 6.64 14.88 -22.16
C LEU A 444 7.67 14.68 -23.31
N GLN A 445 7.87 15.74 -24.08
CA GLN A 445 8.92 15.84 -25.10
C GLN A 445 10.24 15.28 -24.56
N ARG A 446 10.56 15.72 -23.33
CA ARG A 446 11.81 15.42 -22.66
C ARG A 446 11.95 13.94 -22.33
N GLN A 447 10.86 13.34 -21.89
CA GLN A 447 10.93 11.92 -21.54
C GLN A 447 10.94 11.02 -22.77
N PHE A 448 10.32 11.47 -23.86
CA PHE A 448 10.36 10.75 -25.12
C PHE A 448 11.74 10.77 -25.76
N SER A 449 12.37 11.96 -25.81
CA SER A 449 13.72 12.10 -26.35
C SER A 449 14.77 11.23 -25.64
N GLU A 450 14.62 11.08 -24.33
CA GLU A 450 15.55 10.27 -23.56
C GLU A 450 15.33 8.79 -23.79
N GLN A 451 14.06 8.41 -23.98
CA GLN A 451 13.73 7.01 -24.23
C GLN A 451 14.25 6.62 -25.60
N LYS A 452 14.00 7.47 -26.60
CA LYS A 452 14.37 7.13 -27.94
C LYS A 452 15.88 7.18 -28.18
N HIS A 453 16.58 8.07 -27.49
CA HIS A 453 18.04 8.08 -27.58
C HIS A 453 18.66 6.84 -26.94
N ALA A 454 18.17 6.47 -25.75
CA ALA A 454 18.68 5.29 -25.02
C ALA A 454 18.46 3.98 -25.81
N LEU A 455 17.41 3.97 -26.63
CA LEU A 455 16.99 2.81 -27.39
C LEU A 455 18.04 2.42 -28.42
N ASN A 456 18.88 3.40 -28.78
CA ASN A 456 19.87 3.22 -29.84
C ASN A 456 21.07 2.35 -29.46
N ARG A 457 21.40 1.38 -28.44
CA ARG A 457 22.51 0.60 -27.89
C ARG A 457 22.02 -0.27 -26.73
N PRO A 458 22.24 -1.58 -26.82
CA PRO A 458 21.95 -2.52 -25.72
C PRO A 458 22.42 -2.10 -24.30
N VAL A 459 23.65 -1.64 -24.11
CA VAL A 459 24.02 -1.16 -22.76
C VAL A 459 23.10 -0.07 -22.27
N GLU A 460 22.72 0.84 -23.17
CA GLU A 460 21.91 2.00 -22.83
C GLU A 460 20.43 1.65 -22.63
N PHE A 461 19.92 0.75 -23.46
CA PHE A 461 18.53 0.34 -23.31
C PHE A 461 18.35 -0.46 -22.00
N ARG A 462 19.27 -1.38 -21.73
CA ARG A 462 19.32 -2.05 -20.44
C ARG A 462 19.29 -1.08 -19.25
N GLN A 463 20.09 -0.03 -19.32
CA GLN A 463 20.15 0.96 -18.26
C GLN A 463 18.79 1.69 -18.12
N TRP A 464 18.17 1.99 -19.25
CA TRP A 464 16.88 2.66 -19.30
C TRP A 464 15.75 1.77 -18.78
N VAL A 465 15.78 0.50 -19.20
CA VAL A 465 14.82 -0.49 -18.73
C VAL A 465 14.94 -0.67 -17.22
N TYR A 466 16.17 -0.79 -16.72
CA TYR A 466 16.41 -0.96 -15.30
C TYR A 466 15.88 0.24 -14.48
N GLU A 467 16.10 1.43 -15.00
CA GLU A 467 15.70 2.65 -14.33
C GLU A 467 14.19 2.90 -14.39
N SER A 468 13.51 2.25 -15.33
CA SER A 468 12.09 2.50 -15.58
C SER A 468 11.18 1.81 -14.55
N TYR A 469 11.74 0.87 -13.80
CA TYR A 469 10.96 0.03 -12.92
C TYR A 469 11.84 -0.69 -11.91
N SER A 470 11.43 -0.73 -10.64
CA SER A 470 12.21 -1.44 -9.63
C SER A 470 11.81 -2.91 -9.50
N SER A 471 12.77 -3.80 -9.68
CA SER A 471 12.50 -5.22 -9.54
C SER A 471 13.17 -5.85 -8.33
N ARG A 472 13.85 -5.03 -7.55
CA ARG A 472 14.65 -5.51 -6.44
C ARG A 472 13.85 -6.26 -5.37
N ALA A 473 12.66 -5.77 -5.04
CA ALA A 473 11.83 -6.39 -4.00
C ALA A 473 11.37 -7.78 -4.42
N THR A 474 10.99 -7.91 -5.68
CA THR A 474 10.61 -9.20 -6.27
C THR A 474 11.80 -10.16 -6.22
N ARG A 475 12.95 -9.66 -6.68
CA ARG A 475 14.20 -10.42 -6.65
C ARG A 475 14.61 -10.87 -5.23
N VAL A 476 14.51 -9.96 -4.25
CA VAL A 476 14.82 -10.27 -2.86
C VAL A 476 13.88 -11.36 -2.33
N SER A 477 12.59 -11.24 -2.67
CA SER A 477 11.54 -12.15 -2.23
C SER A 477 11.70 -13.58 -2.75
N HIS A 478 12.15 -13.72 -3.98
CA HIS A 478 12.28 -15.04 -4.60
C HIS A 478 13.71 -15.60 -4.54
N GLY A 479 14.68 -14.76 -4.21
CA GLY A 479 16.08 -15.18 -4.26
C GLY A 479 16.50 -15.43 -5.71
N ARG A 480 15.82 -14.73 -6.62
CA ARG A 480 16.06 -14.86 -8.05
C ARG A 480 15.00 -14.09 -8.85
N VAL A 481 15.21 -13.99 -10.16
CA VAL A 481 14.22 -13.49 -11.10
C VAL A 481 13.16 -14.58 -11.39
N PRO A 482 11.90 -14.35 -10.98
CA PRO A 482 10.90 -15.37 -11.27
C PRO A 482 10.58 -15.47 -12.77
N PHE A 483 10.37 -16.71 -13.22
CA PHE A 483 10.12 -17.01 -14.61
C PHE A 483 8.70 -17.52 -14.76
N LEU A 484 8.07 -17.20 -15.89
CA LEU A 484 6.84 -17.88 -16.30
C LEU A 484 7.19 -18.64 -17.56
N ALA A 485 7.20 -19.97 -17.48
CA ALA A 485 7.71 -20.80 -18.56
C ALA A 485 9.17 -20.47 -18.89
N GLY A 486 9.47 -20.12 -20.13
CA GLY A 486 10.86 -19.94 -20.54
C GLY A 486 11.41 -18.52 -20.44
N LEU A 487 10.67 -17.63 -19.81
CA LEU A 487 11.05 -16.22 -19.72
C LEU A 487 10.63 -15.61 -18.39
N PRO A 488 11.31 -14.54 -17.95
CA PRO A 488 10.85 -13.81 -16.77
C PRO A 488 9.37 -13.38 -16.84
N ASP A 489 8.74 -13.37 -15.66
CA ASP A 489 7.40 -12.83 -15.48
C ASP A 489 7.27 -11.44 -16.08
N SER A 490 8.21 -10.59 -15.72
CA SER A 490 8.18 -9.18 -15.99
C SER A 490 8.66 -8.90 -17.42
N GLN A 491 7.93 -8.04 -18.13
CA GLN A 491 8.37 -7.60 -19.45
C GLN A 491 9.73 -6.93 -19.37
N GLU A 492 9.93 -6.07 -18.38
CA GLU A 492 11.19 -5.34 -18.23
C GLU A 492 12.37 -6.29 -18.00
N GLU A 493 12.11 -7.29 -17.17
CA GLU A 493 13.09 -8.31 -16.82
C GLU A 493 13.37 -9.19 -18.02
N THR A 494 12.35 -9.44 -18.82
CA THR A 494 12.51 -10.19 -20.07
C THR A 494 13.43 -9.48 -21.08
N LEU A 495 13.26 -8.17 -21.25
CA LEU A 495 14.12 -7.39 -22.11
C LEU A 495 15.59 -7.52 -21.72
N ASN A 496 15.90 -7.31 -20.44
CA ASN A 496 17.27 -7.38 -19.97
C ASN A 496 17.87 -8.77 -19.96
N PHE A 497 17.06 -9.75 -19.61
CA PHE A 497 17.49 -11.14 -19.70
C PHE A 497 17.96 -11.43 -21.11
N LEU A 498 17.19 -11.01 -22.10
CA LEU A 498 17.52 -11.32 -23.48
C LEU A 498 18.68 -10.49 -24.03
N MET A 499 18.73 -9.21 -23.68
CA MET A 499 19.87 -8.36 -24.07
C MET A 499 21.19 -8.79 -23.42
N ASN A 500 21.12 -9.33 -22.21
CA ASN A 500 22.30 -9.81 -21.50
C ASN A 500 22.94 -11.05 -22.17
N SER A 501 22.14 -11.74 -22.99
CA SER A 501 22.66 -12.85 -23.81
C SER A 501 22.96 -12.41 -25.25
N GLY A 502 22.83 -11.11 -25.52
CA GLY A 502 23.27 -10.57 -26.80
C GLY A 502 22.21 -10.14 -27.80
N PHE A 503 20.93 -10.26 -27.45
CA PHE A 503 19.90 -9.75 -28.34
C PHE A 503 19.87 -8.22 -28.32
N ASP A 504 19.46 -7.67 -29.46
CA ASP A 504 19.41 -6.25 -29.68
C ASP A 504 17.96 -5.87 -29.96
N PRO A 505 17.42 -4.91 -29.20
CA PRO A 505 16.05 -4.42 -29.33
C PRO A 505 15.77 -3.76 -30.68
N LYS A 506 16.82 -3.29 -31.36
CA LYS A 506 16.68 -2.75 -32.71
C LYS A 506 16.82 -3.80 -33.82
N LYS A 507 17.15 -5.03 -33.44
CA LYS A 507 17.41 -6.08 -34.42
C LYS A 507 16.42 -7.24 -34.33
N GLN A 508 16.05 -7.61 -33.09
CA GLN A 508 15.09 -8.68 -32.87
C GLN A 508 13.71 -8.07 -32.62
N LYS A 509 12.43 -8.72 -33.36
CA LYS A 509 11.11 -8.11 -33.27
C LYS A 509 10.40 -8.36 -31.92
N TYR A 510 10.53 -9.57 -31.38
CA TYR A 510 9.94 -9.90 -30.08
C TYR A 510 10.39 -8.93 -28.97
N LEU A 511 11.71 -8.69 -28.90
CA LEU A 511 12.28 -7.69 -28.00
C LEU A 511 11.63 -6.34 -28.30
N GLN A 512 11.57 -6.00 -29.58
CA GLN A 512 10.91 -4.78 -30.05
C GLN A 512 9.44 -4.68 -29.61
N ASP A 513 8.67 -5.74 -29.84
CA ASP A 513 7.25 -5.76 -29.44
C ASP A 513 7.04 -5.45 -27.95
N ILE A 514 7.83 -6.12 -27.09
CA ILE A 514 7.74 -5.92 -25.64
C ILE A 514 8.16 -4.52 -25.25
N ALA A 515 9.20 -4.00 -25.90
CA ALA A 515 9.77 -2.70 -25.57
C ALA A 515 8.74 -1.61 -25.72
N TRP A 516 7.78 -1.86 -26.58
CA TRP A 516 6.81 -0.85 -26.95
C TRP A 516 5.39 -1.11 -26.38
N ASP A 517 5.07 -2.36 -26.09
CA ASP A 517 3.96 -2.68 -25.18
C ASP A 517 4.17 -1.88 -23.91
N LEU A 518 5.43 -1.81 -23.49
CA LEU A 518 5.83 -1.09 -22.29
C LEU A 518 5.64 0.41 -22.40
N GLN A 519 5.97 0.98 -23.55
CA GLN A 519 5.87 2.42 -23.74
C GLN A 519 4.41 2.82 -23.94
N LYS A 520 3.63 1.90 -24.50
CA LYS A 520 2.19 2.09 -24.65
C LYS A 520 1.51 2.19 -23.29
N ARG A 521 1.68 1.14 -22.47
CA ARG A 521 1.10 1.10 -21.13
C ARG A 521 1.40 2.36 -20.36
N LYS A 522 2.60 2.89 -20.53
CA LYS A 522 3.00 4.11 -19.82
C LYS A 522 2.31 5.39 -20.35
N CYS A 523 2.01 5.42 -21.64
CA CYS A 523 1.17 6.47 -22.22
C CYS A 523 -0.28 6.43 -21.68
N ASP A 524 -0.86 5.22 -21.67
CA ASP A 524 -2.17 4.99 -21.07
C ASP A 524 -2.27 5.59 -19.67
N THR A 525 -1.24 5.37 -18.87
CA THR A 525 -1.21 5.86 -17.50
C THR A 525 -1.19 7.38 -17.44
N LEU A 526 -0.44 7.99 -18.36
CA LEU A 526 -0.31 9.43 -18.34
C LEU A 526 -1.61 10.15 -18.72
N LYS A 527 -2.37 9.58 -19.66
CA LYS A 527 -3.63 10.19 -20.09
C LYS A 527 -4.73 9.95 -19.08
N SER A 528 -4.69 8.81 -18.39
CA SER A 528 -5.65 8.55 -17.30
C SER A 528 -5.36 9.46 -16.10
N LYS A 529 -4.44 11.61 -13.83
CA LYS A 529 -4.05 12.24 -12.57
C LYS A 529 -3.50 13.65 -12.72
N LEU A 530 -3.03 14.00 -13.91
CA LEU A 530 -2.38 15.30 -14.10
C LEU A 530 -1.32 15.60 -13.03
N ASN A 531 -0.54 14.58 -12.67
CA ASN A 531 0.53 14.78 -11.70
C ASN A 531 1.74 15.40 -12.40
N ILE A 532 1.56 16.64 -12.84
CA ILE A 532 2.61 17.44 -13.44
C ILE A 532 3.82 17.52 -12.51
N ARG A 533 4.95 17.00 -12.97
CA ARG A 533 6.16 17.13 -12.19
C ARG A 533 6.61 18.56 -12.07
N VAL A 534 6.89 18.90 -10.83
CA VAL A 534 7.54 20.13 -10.48
C VAL A 534 8.76 19.68 -9.70
N GLY A 535 9.93 19.76 -10.32
CA GLY A 535 11.11 19.30 -9.64
C GLY A 535 11.33 19.93 -8.28
N ARG A 536 11.01 21.22 -8.15
CA ARG A 536 11.27 21.85 -6.87
C ARG A 536 10.07 21.89 -5.97
N SER A 537 9.71 20.69 -5.48
CA SER A 537 8.57 20.53 -4.58
C SER A 537 8.76 19.24 -3.79
N ALA A 538 8.25 19.19 -2.56
CA ALA A 538 8.31 17.95 -1.76
C ALA A 538 7.26 18.00 -0.67
N TYR A 539 6.83 16.82 -0.20
CA TYR A 539 6.00 16.74 1.00
C TYR A 539 6.93 16.59 2.16
N ILE A 540 6.76 17.47 3.15
CA ILE A 540 7.66 17.59 4.28
C ILE A 540 6.90 17.73 5.60
N TYR A 541 7.31 16.92 6.59
CA TYR A 541 6.74 17.03 7.93
C TYR A 541 6.88 18.43 8.50
N MET A 542 5.76 18.92 9.03
CA MET A 542 5.69 20.24 9.64
C MET A 542 6.02 20.18 11.13
N ILE A 543 6.86 21.11 11.59
CA ILE A 543 7.29 21.16 12.96
C ILE A 543 7.15 22.61 13.32
N ALA A 544 6.89 22.90 14.59
CA ALA A 544 6.82 24.27 15.07
C ALA A 544 8.15 24.71 15.72
N ASP A 545 8.45 25.98 15.57
CA ASP A 545 9.66 26.58 16.14
C ASP A 545 9.56 26.78 17.66
N PHE A 546 10.10 25.84 18.43
CA PHE A 546 10.17 26.05 19.88
C PHE A 546 11.18 27.08 20.29
N TRP A 547 12.00 27.57 19.38
CA TRP A 547 13.21 28.28 19.79
C TRP A 547 13.17 29.77 19.51
N GLY A 548 12.06 30.25 18.94
CA GLY A 548 11.81 31.68 18.79
C GLY A 548 12.68 32.42 17.79
N VAL A 549 13.05 31.76 16.70
CA VAL A 549 13.98 32.35 15.73
C VAL A 549 13.30 32.75 14.43
N LEU A 550 12.16 32.12 14.13
CA LEU A 550 11.42 32.41 12.91
C LEU A 550 10.36 33.48 13.13
N GLU A 551 10.39 34.53 12.31
CA GLU A 551 9.32 35.51 12.31
C GLU A 551 8.09 34.91 11.61
N GLU A 552 6.96 35.60 11.69
CA GLU A 552 5.67 35.02 11.37
C GLU A 552 5.49 34.34 10.01
N ASN A 553 6.03 34.92 8.96
CA ASN A 553 5.80 34.30 7.66
C ASN A 553 7.10 33.73 7.14
N GLU A 554 7.96 33.30 8.06
CA GLU A 554 9.22 32.64 7.75
C GLU A 554 9.18 31.17 8.08
N VAL A 555 9.76 30.38 7.19
CA VAL A 555 9.91 28.96 7.41
C VAL A 555 11.38 28.54 7.26
N HIS A 556 11.76 27.49 7.95
CA HIS A 556 13.12 26.99 7.84
C HIS A 556 13.09 25.59 7.23
N VAL A 557 13.83 25.39 6.16
CA VAL A 557 13.89 24.09 5.49
C VAL A 557 15.34 23.74 5.17
N GLY A 558 15.90 22.77 5.89
CA GLY A 558 17.18 22.20 5.49
C GLY A 558 17.01 20.73 5.23
N PHE A 559 17.74 20.20 4.25
CA PHE A 559 17.63 18.82 3.81
C PHE A 559 18.81 18.02 4.37
N SER A 560 18.63 16.70 4.51
CA SER A 560 19.70 15.83 5.02
C SER A 560 20.70 15.47 3.94
N SER A 561 20.34 15.71 2.69
CA SER A 561 21.25 15.42 1.60
C SER A 561 20.89 16.26 0.41
N LYS A 562 21.64 16.13 -0.66
CA LYS A 562 21.42 16.91 -1.86
C LYS A 562 20.05 16.60 -2.53
N PHE A 563 19.17 17.59 -2.59
CA PHE A 563 17.89 17.48 -3.29
C PHE A 563 18.12 17.94 -4.72
N ARG A 564 18.07 17.01 -5.67
CA ARG A 564 18.42 17.36 -7.05
C ARG A 564 17.23 17.73 -7.91
N ASP A 565 17.44 18.73 -8.76
CA ASP A 565 16.45 19.16 -9.71
C ASP A 565 17.08 19.37 -11.08
N GLU A 566 17.15 18.32 -11.89
CA GLU A 566 17.75 18.42 -13.21
C GLU A 566 19.08 19.17 -13.12
N GLU A 567 19.13 20.43 -13.53
CA GLU A 567 20.44 21.12 -13.58
C GLU A 567 20.97 21.76 -12.28
N GLU A 568 20.22 21.61 -11.20
CA GLU A 568 20.48 22.37 -9.98
C GLU A 568 20.16 21.55 -8.74
N SER A 569 20.84 21.89 -7.65
CA SER A 569 20.82 21.06 -6.46
C SER A 569 20.67 21.94 -5.23
N PHE A 570 20.07 21.40 -4.16
CA PHE A 570 19.76 22.14 -2.94
C PHE A 570 20.09 21.27 -1.75
N THR A 571 20.78 21.84 -0.76
CA THR A 571 20.89 21.20 0.56
C THR A 571 20.01 21.95 1.57
N LEU A 572 19.45 23.05 1.12
CA LEU A 572 18.60 23.83 2.00
C LEU A 572 17.90 24.92 1.21
N LEU A 573 17.01 25.65 1.87
CA LEU A 573 16.27 26.67 1.18
C LEU A 573 16.54 27.97 1.90
N SER A 574 16.87 29.02 1.16
CA SER A 574 17.17 30.28 1.77
C SER A 574 17.00 31.44 0.82
N ASP A 575 16.49 32.54 1.38
CA ASP A 575 16.17 33.76 0.65
C ASP A 575 15.37 33.62 -0.63
N CYS A 576 14.27 32.91 -0.54
CA CYS A 576 13.34 32.83 -1.63
C CYS A 576 11.95 32.68 -1.05
N ASP A 577 10.94 33.01 -1.83
CA ASP A 577 9.57 32.74 -1.44
C ASP A 577 9.28 31.26 -1.77
N VAL A 578 8.44 30.65 -0.95
CA VAL A 578 7.96 29.29 -1.18
C VAL A 578 6.43 29.24 -1.01
N LEU A 579 5.81 28.29 -1.68
CA LEU A 579 4.43 27.96 -1.47
C LEU A 579 4.40 26.79 -0.48
N VAL A 580 3.52 26.86 0.51
CA VAL A 580 3.18 25.72 1.38
C VAL A 580 1.68 25.37 1.26
N ALA A 581 1.36 24.08 1.25
CA ALA A 581 -0.03 23.63 1.26
C ALA A 581 -0.15 22.28 1.95
N ARG A 582 -1.32 21.95 2.48
CA ARG A 582 -1.63 20.57 2.83
C ARG A 582 -2.66 20.06 1.84
N SER A 583 -2.48 18.84 1.36
CA SER A 583 -3.48 18.17 0.53
C SER A 583 -4.58 17.65 1.43
N PRO A 584 -5.84 17.91 1.08
CA PRO A 584 -6.29 18.66 -0.10
C PRO A 584 -6.44 20.15 0.24
N ALA A 585 -6.23 20.98 -0.78
CA ALA A 585 -6.43 22.41 -0.65
C ALA A 585 -7.86 22.66 -1.14
N HIS A 586 -8.69 23.31 -0.33
CA HIS A 586 -10.06 23.62 -0.73
C HIS A 586 -10.28 25.12 -0.76
N PHE A 587 -10.08 25.77 0.37
CA PHE A 587 -10.19 27.23 0.47
C PHE A 587 -9.08 27.91 -0.34
N PRO A 588 -9.39 29.08 -0.91
CA PRO A 588 -8.34 29.89 -1.53
C PRO A 588 -7.10 30.12 -0.63
N SER A 589 -7.32 30.28 0.66
CA SER A 589 -6.24 30.40 1.65
C SER A 589 -5.51 29.08 2.03
N ASP A 590 -5.93 27.92 1.50
CA ASP A 590 -5.32 26.64 1.89
C ASP A 590 -3.92 26.43 1.34
N ILE A 591 -3.50 27.34 0.45
CA ILE A 591 -2.12 27.42 -0.01
C ILE A 591 -1.57 28.81 0.39
N GLN A 592 -0.37 28.83 0.97
CA GLN A 592 0.19 30.10 1.42
C GLN A 592 1.60 30.30 0.88
N ARG A 593 1.89 31.53 0.48
CA ARG A 593 3.21 31.92 0.04
C ARG A 593 3.91 32.62 1.21
N VAL A 594 5.11 32.14 1.53
CA VAL A 594 5.88 32.55 2.70
C VAL A 594 7.35 32.65 2.32
N ARG A 595 8.17 33.07 3.26
CA ARG A 595 9.58 33.27 2.98
C ARG A 595 10.45 32.16 3.56
N ALA A 596 11.20 31.46 2.72
CA ALA A 596 12.20 30.49 3.20
C ALA A 596 13.46 31.19 3.69
N VAL A 597 13.72 31.06 5.00
CA VAL A 597 14.84 31.72 5.66
C VAL A 597 15.62 30.74 6.52
N PHE A 598 16.86 30.45 6.15
CA PHE A 598 17.62 29.43 6.84
C PHE A 598 18.20 30.03 8.10
N LYS A 599 17.86 29.42 9.25
CA LYS A 599 18.39 29.84 10.53
C LYS A 599 19.48 28.88 10.97
N PRO A 600 20.71 29.40 11.13
CA PRO A 600 21.85 28.61 11.61
C PRO A 600 21.56 27.88 12.93
N GLU A 601 20.78 28.49 13.82
CA GLU A 601 20.31 27.85 15.05
C GLU A 601 19.57 26.52 14.81
N LEU A 602 18.87 26.40 13.69
CA LEU A 602 18.09 25.21 13.40
C LEU A 602 18.77 24.33 12.37
N HIS A 603 20.04 24.61 12.08
CA HIS A 603 20.80 23.89 11.06
C HIS A 603 20.74 22.36 11.16
N SER A 604 20.61 21.84 12.37
CA SER A 604 20.70 20.39 12.61
C SER A 604 19.40 19.65 12.30
N LEU A 605 18.32 20.40 12.10
CA LEU A 605 17.01 19.81 11.88
C LEU A 605 16.81 19.65 10.39
N LYS A 606 16.78 18.39 9.96
CA LYS A 606 16.82 18.15 8.54
C LYS A 606 15.64 17.31 8.08
N ASP A 607 15.18 17.56 6.86
CA ASP A 607 14.02 16.84 6.27
C ASP A 607 12.70 17.07 7.03
N VAL A 608 12.57 18.26 7.60
CA VAL A 608 11.34 18.73 8.22
C VAL A 608 11.25 20.19 7.79
N ILE A 609 10.07 20.80 7.90
CA ILE A 609 9.92 22.23 7.67
C ILE A 609 9.39 22.82 8.95
N ILE A 610 10.06 23.87 9.43
CA ILE A 610 9.75 24.51 10.71
C ILE A 610 8.91 25.76 10.45
N PHE A 611 7.79 25.88 11.16
CA PHE A 611 6.92 27.04 11.03
C PHE A 611 7.10 27.91 12.26
N SER A 612 6.87 29.20 12.10
CA SER A 612 7.00 30.14 13.20
C SER A 612 5.99 29.86 14.33
N THR A 613 6.37 30.10 15.58
CA THR A 613 5.38 30.11 16.67
C THR A 613 5.00 31.57 17.06
N LYS A 614 5.23 32.49 16.12
CA LYS A 614 4.82 33.89 16.30
C LYS A 614 3.58 34.16 15.45
N GLY A 615 2.95 35.29 15.70
CA GLY A 615 1.72 35.65 14.97
C GLY A 615 0.44 35.26 15.70
N ASP A 616 -0.69 35.52 15.07
CA ASP A 616 -1.99 35.31 15.68
C ASP A 616 -2.42 33.84 15.61
N VAL A 617 -2.09 33.21 14.50
CA VAL A 617 -2.65 31.93 14.10
C VAL A 617 -1.50 31.11 13.55
N PRO A 618 -1.32 29.89 14.05
CA PRO A 618 -0.25 29.07 13.52
C PRO A 618 -0.45 28.89 12.02
N LEU A 619 0.65 28.90 11.25
CA LEU A 619 0.62 28.63 9.82
C LEU A 619 -0.06 27.31 9.50
N ALA A 620 0.23 26.28 10.30
CA ALA A 620 -0.39 24.97 10.13
C ALA A 620 -1.92 25.04 10.01
N LYS A 621 -2.54 25.87 10.84
CA LYS A 621 -3.99 25.87 10.89
C LYS A 621 -4.59 26.51 9.63
N LYS A 622 -3.83 27.44 9.03
CA LYS A 622 -4.17 28.06 7.77
C LYS A 622 -4.11 27.10 6.58
N LEU A 623 -3.34 26.01 6.74
CA LEU A 623 -3.20 25.03 5.68
C LEU A 623 -4.24 23.97 5.91
N SER A 624 -5.50 24.31 5.61
CA SER A 624 -6.61 23.38 5.71
C SER A 624 -6.87 22.95 7.14
N GLY A 625 -6.79 23.87 8.11
CA GLY A 625 -6.94 23.49 9.53
C GLY A 625 -5.97 22.39 10.00
N GLY A 626 -4.73 22.39 9.50
CA GLY A 626 -3.74 21.41 9.93
C GLY A 626 -3.05 21.69 11.26
N ASP A 627 -2.04 20.88 11.56
CA ASP A 627 -1.28 20.97 12.82
C ASP A 627 0.02 20.17 12.74
N TYR A 628 0.62 19.89 13.89
CA TYR A 628 1.99 19.32 13.90
C TYR A 628 2.04 17.93 14.49
N ASP A 629 1.01 17.14 14.19
CA ASP A 629 0.95 15.79 14.73
C ASP A 629 1.28 14.74 13.67
N GLY A 630 1.89 15.16 12.58
CA GLY A 630 2.20 14.23 11.51
C GLY A 630 1.81 14.77 10.15
N ASP A 631 1.14 15.92 10.15
CA ASP A 631 0.86 16.60 8.88
C ASP A 631 2.16 16.84 8.11
N MET A 632 2.09 16.68 6.78
CA MET A 632 3.15 17.05 5.86
C MET A 632 2.65 18.17 4.95
N ALA A 633 3.53 19.14 4.68
CA ALA A 633 3.17 20.24 3.79
C ALA A 633 3.70 19.91 2.41
N TRP A 634 2.91 20.23 1.39
CA TRP A 634 3.48 20.38 0.06
C TRP A 634 4.29 21.67 0.10
N VAL A 635 5.58 21.54 -0.17
CA VAL A 635 6.45 22.68 -0.19
C VAL A 635 6.94 22.87 -1.63
N CYS A 636 6.77 24.07 -2.15
CA CYS A 636 7.20 24.34 -3.51
C CYS A 636 8.07 25.58 -3.60
N TRP A 637 9.26 25.43 -4.17
CA TRP A 637 10.14 26.57 -4.31
C TRP A 637 10.43 26.86 -5.80
N ASP A 638 9.60 26.32 -6.69
CA ASP A 638 9.73 26.58 -8.12
C ASP A 638 9.32 28.00 -8.42
N PRO A 639 10.25 28.83 -8.93
CA PRO A 639 10.01 30.28 -9.16
C PRO A 639 8.78 30.61 -9.98
N GLU A 640 8.57 29.89 -11.07
CA GLU A 640 7.45 30.12 -11.97
C GLU A 640 6.12 29.88 -11.28
N ILE A 641 6.06 28.88 -10.41
CA ILE A 641 4.85 28.60 -9.67
C ILE A 641 4.69 29.55 -8.49
N VAL A 642 5.78 29.84 -7.78
CA VAL A 642 5.67 30.70 -6.61
C VAL A 642 5.30 32.16 -6.94
N ASP A 643 5.89 32.69 -8.00
CA ASP A 643 5.89 34.15 -8.20
C ASP A 643 4.56 34.83 -8.55
N GLY A 644 3.65 34.10 -9.19
CA GLY A 644 2.36 34.66 -9.53
C GLY A 644 1.28 34.53 -8.48
N PHE A 645 1.65 33.97 -7.33
CA PHE A 645 0.69 33.60 -6.30
C PHE A 645 0.43 34.77 -5.33
N VAL A 646 -0.84 35.06 -5.10
CA VAL A 646 -1.23 36.08 -4.12
C VAL A 646 -1.97 35.38 -2.99
N ASN A 647 -1.55 35.62 -1.75
CA ASN A 647 -2.23 35.10 -0.57
C ASN A 647 -3.66 35.65 -0.43
N ALA A 648 -4.59 34.77 -0.05
CA ALA A 648 -5.92 35.17 0.41
C ALA A 648 -5.96 34.98 1.92
N GLU A 649 -6.78 35.78 2.61
CA GLU A 649 -6.99 35.58 4.06
C GLU A 649 -7.99 34.46 4.29
N MET A 650 -8.08 34.04 5.55
CA MET A 650 -9.03 33.02 5.96
C MET A 650 -10.44 33.40 5.58
N PRO A 651 -11.23 32.40 5.17
CA PRO A 651 -12.62 32.58 4.78
C PRO A 651 -13.52 32.85 6.00
N LEU A 652 -14.56 33.65 5.82
CA LEU A 652 -15.60 33.69 6.83
C LEU A 652 -16.44 32.44 6.64
N GLU A 653 -16.25 31.45 7.49
CA GLU A 653 -16.96 30.18 7.36
C GLU A 653 -18.41 30.33 7.84
N PRO A 654 -19.33 29.54 7.25
CA PRO A 654 -20.75 29.59 7.64
C PRO A 654 -21.01 28.80 8.91
N ASP A 655 -22.07 29.17 9.63
CA ASP A 655 -22.54 28.32 10.73
C ASP A 655 -23.34 27.14 10.19
N LEU A 656 -22.80 25.93 10.39
CA LEU A 656 -23.41 24.71 9.87
C LEU A 656 -24.08 23.88 10.99
N SER A 657 -24.34 24.51 12.12
CA SER A 657 -24.77 23.75 13.30
C SER A 657 -26.14 23.07 13.11
N ARG A 658 -27.00 23.66 12.28
CA ARG A 658 -28.31 23.06 11.98
C ARG A 658 -28.20 21.68 11.29
N TYR A 659 -27.10 21.47 10.58
CA TYR A 659 -26.93 20.27 9.78
C TYR A 659 -25.95 19.33 10.43
N LEU A 660 -24.89 19.89 11.00
CA LEU A 660 -23.87 19.10 11.67
C LEU A 660 -24.19 19.09 13.16
N LYS A 661 -24.54 17.92 13.69
CA LYS A 661 -25.04 17.83 15.06
C LYS A 661 -24.09 17.00 15.92
N LYS A 662 -23.44 17.66 16.86
CA LYS A 662 -22.49 16.96 17.75
C LYS A 662 -23.19 16.32 18.95
N ASP A 663 -23.39 14.36 18.99
CA ASP A 663 -23.77 13.64 20.19
C ASP A 663 -22.62 13.80 21.18
N LYS A 664 -22.85 14.61 22.21
CA LYS A 664 -21.83 14.92 23.21
C LYS A 664 -21.92 14.07 24.48
N THR A 665 -22.78 13.05 24.46
CA THR A 665 -23.05 12.17 25.60
C THR A 665 -21.78 11.57 26.17
N THR A 666 -21.52 11.82 27.45
CA THR A 666 -20.27 11.38 28.05
C THR A 666 -20.34 9.95 28.56
N PHE A 667 -19.18 9.42 28.94
CA PHE A 667 -19.11 8.09 29.52
C PHE A 667 -19.84 8.14 30.86
N LYS A 668 -19.66 9.23 31.61
CA LYS A 668 -20.38 9.43 32.88
C LYS A 668 -21.91 9.43 32.73
N GLN A 669 -22.42 10.01 31.65
CA GLN A 669 -23.87 10.02 31.46
C GLN A 669 -24.39 8.63 31.09
N LEU A 670 -23.57 7.83 30.41
CA LEU A 670 -23.93 6.46 30.06
C LEU A 670 -23.90 5.57 31.29
N MET A 671 -22.93 5.84 32.16
CA MET A 671 -22.81 5.07 33.38
C MET A 671 -23.96 5.34 34.36
N ALA A 672 -24.61 6.49 34.24
CA ALA A 672 -25.74 6.83 35.12
C ALA A 672 -26.96 5.89 34.96
N SER A 673 -27.03 5.20 33.82
CA SER A 673 -28.11 4.23 33.59
C SER A 673 -27.85 2.92 34.31
N HIS A 674 -26.63 2.72 34.80
CA HIS A 674 -26.28 1.46 35.44
C HIS A 674 -25.98 1.65 36.92
N GLY A 675 -25.57 2.86 37.27
CA GLY A 675 -25.20 3.19 38.62
C GLY A 675 -23.71 3.41 38.82
N THR A 676 -23.23 2.87 39.94
CA THR A 676 -21.92 3.17 40.49
C THR A 676 -21.22 1.85 40.83
N GLY A 677 -19.89 1.84 40.79
CA GLY A 677 -19.14 0.63 41.12
C GLY A 677 -18.67 -0.13 39.89
N SER A 678 -17.96 -1.23 40.14
CA SER A 678 -17.23 -1.95 39.10
C SER A 678 -18.10 -2.60 38.03
N ALA A 679 -19.22 -3.17 38.44
CA ALA A 679 -20.13 -3.80 37.51
C ALA A 679 -20.84 -2.75 36.65
N ALA A 680 -21.11 -1.59 37.24
CA ALA A 680 -21.74 -0.50 36.52
C ALA A 680 -20.80 0.02 35.42
N LYS A 681 -19.54 0.23 35.79
CA LYS A 681 -18.49 0.67 34.90
C LYS A 681 -18.21 -0.32 33.78
N GLU A 682 -18.14 -1.61 34.11
CA GLU A 682 -17.97 -2.67 33.12
C GLU A 682 -19.08 -2.67 32.05
N GLN A 683 -20.34 -2.68 32.49
CA GLN A 683 -21.46 -2.61 31.56
C GLN A 683 -21.45 -1.31 30.74
N THR A 684 -21.08 -0.19 31.36
CA THR A 684 -20.97 1.06 30.64
C THR A 684 -19.93 0.97 29.53
N THR A 685 -18.81 0.29 29.79
CA THR A 685 -17.78 0.10 28.78
C THR A 685 -18.32 -0.63 27.56
N TYR A 686 -19.07 -1.70 27.81
CA TYR A 686 -19.69 -2.48 26.74
C TYR A 686 -20.79 -1.69 26.01
N ASP A 687 -21.49 -0.84 26.75
CA ASP A 687 -22.46 0.11 26.15
C ASP A 687 -21.77 1.00 25.14
N MET A 688 -20.61 1.52 25.52
CA MET A 688 -19.82 2.41 24.69
C MET A 688 -19.37 1.72 23.40
N ILE A 689 -18.89 0.49 23.52
CA ILE A 689 -18.55 -0.34 22.35
C ILE A 689 -19.75 -0.50 21.41
N GLN A 690 -20.89 -0.86 21.97
CA GLN A 690 -22.08 -1.12 21.13
C GLN A 690 -22.67 0.16 20.47
N LYS A 691 -22.81 1.22 21.24
CA LYS A 691 -23.29 2.48 20.69
C LYS A 691 -22.32 3.08 19.67
N SER A 692 -21.02 2.85 19.87
CA SER A 692 -19.99 3.40 18.99
C SER A 692 -19.84 2.59 17.70
N PHE A 693 -20.07 1.27 17.78
CA PHE A 693 -20.18 0.42 16.60
C PHE A 693 -21.36 0.89 15.75
N HIS A 694 -22.46 1.16 16.42
CA HIS A 694 -23.64 1.61 15.75
C HIS A 694 -23.38 2.96 15.08
N PHE A 695 -22.38 3.69 15.56
CA PHE A 695 -21.99 4.96 14.97
C PHE A 695 -20.96 4.79 13.85
N ALA A 696 -20.00 3.89 14.06
CA ALA A 696 -18.90 3.68 13.12
C ALA A 696 -19.39 3.06 11.82
N LEU A 697 -20.45 2.28 11.91
CA LEU A 697 -20.99 1.54 10.77
C LEU A 697 -22.05 2.30 9.96
N GLN A 698 -22.27 3.56 10.27
CA GLN A 698 -23.13 4.42 9.46
C GLN A 698 -22.38 4.83 8.21
N PRO A 699 -23.11 5.12 7.13
CA PRO A 699 -22.50 5.51 5.86
C PRO A 699 -21.52 6.69 5.95
N ASN A 700 -20.45 6.65 5.17
CA ASN A 700 -19.51 7.76 5.08
C ASN A 700 -19.95 8.77 4.05
N PHE A 701 -20.40 10.33 4.71
CA PHE A 701 -20.77 11.40 3.81
C PHE A 701 -19.57 12.22 3.34
N LEU A 702 -18.45 12.13 4.06
CA LEU A 702 -17.23 12.79 3.61
C LEU A 702 -17.00 12.57 2.11
N GLY A 703 -17.00 11.30 1.69
CA GLY A 703 -16.77 10.97 0.29
C GLY A 703 -17.82 11.57 -0.62
N MET A 704 -19.06 11.43 -0.19
CA MET A 704 -20.21 11.90 -0.95
C MET A 704 -20.26 13.43 -1.12
N CYS A 705 -20.04 14.15 -0.04
CA CYS A 705 -20.03 15.60 -0.08
C CYS A 705 -18.79 16.17 -0.80
N THR A 706 -17.68 15.41 -0.75
CA THR A 706 -16.49 15.79 -1.46
C THR A 706 -16.73 15.69 -2.96
N ASN A 707 -17.39 14.62 -3.39
CA ASN A 707 -17.69 14.45 -4.80
C ASN A 707 -18.69 15.49 -5.32
N TYR A 708 -19.69 15.81 -4.50
CA TYR A 708 -20.65 16.85 -4.84
C TYR A 708 -19.90 18.18 -5.03
N LYS A 709 -18.97 18.47 -4.13
CA LYS A 709 -18.20 19.68 -4.21
C LYS A 709 -17.31 19.69 -5.44
N GLU A 710 -16.70 18.56 -5.76
CA GLU A 710 -15.91 18.45 -6.97
C GLU A 710 -16.79 18.87 -8.15
N ARG A 711 -17.98 18.29 -8.21
CA ARG A 711 -18.90 18.47 -9.32
C ARG A 711 -19.47 19.88 -9.41
N LEU A 712 -19.76 20.46 -8.26
CA LEU A 712 -20.33 21.80 -8.18
C LEU A 712 -19.32 22.86 -8.56
N CYS A 713 -18.13 22.76 -7.97
CA CYS A 713 -17.04 23.66 -8.32
C CYS A 713 -16.63 23.56 -9.81
N TYR A 714 -16.76 22.36 -10.37
CA TYR A 714 -16.48 22.11 -11.76
C TYR A 714 -17.46 22.86 -12.66
N ILE A 715 -18.76 22.65 -12.45
CA ILE A 715 -19.74 23.33 -13.27
C ILE A 715 -19.68 24.86 -13.08
N ASN A 716 -19.41 25.32 -11.87
CA ASN A 716 -19.31 26.74 -11.62
C ASN A 716 -17.96 27.27 -12.07
N ASN A 717 -17.00 26.34 -12.26
CA ASN A 717 -15.59 26.68 -12.41
C ASN A 717 -15.19 27.75 -11.38
N SER A 718 -15.37 27.42 -10.11
CA SER A 718 -14.97 28.33 -9.05
C SER A 718 -14.75 27.52 -7.81
N VAL A 719 -13.67 27.82 -7.10
CA VAL A 719 -13.42 27.24 -5.79
C VAL A 719 -13.48 28.34 -4.71
N SER A 720 -13.95 29.53 -5.06
CA SER A 720 -13.95 30.66 -4.14
C SER A 720 -15.29 31.38 -3.96
N ASN A 721 -16.30 31.01 -4.74
CA ASN A 721 -17.63 31.59 -4.55
C ASN A 721 -18.33 31.02 -3.31
N LYS A 722 -19.55 31.44 -3.03
CA LYS A 722 -20.19 31.08 -1.76
C LYS A 722 -20.51 29.59 -1.64
N PRO A 723 -21.15 28.97 -2.65
CA PRO A 723 -21.32 27.52 -2.63
C PRO A 723 -20.00 26.78 -2.38
N ALA A 724 -18.94 27.21 -3.05
CA ALA A 724 -17.63 26.55 -2.87
C ALA A 724 -17.11 26.63 -1.43
N ILE A 725 -17.18 27.81 -0.84
CA ILE A 725 -16.77 28.01 0.54
C ILE A 725 -17.64 27.18 1.51
N ILE A 726 -18.97 27.13 1.26
CA ILE A 726 -19.87 26.27 2.04
C ILE A 726 -19.46 24.78 1.98
N LEU A 727 -19.28 24.23 0.79
CA LEU A 727 -18.94 22.81 0.69
C LEU A 727 -17.54 22.47 1.25
N SER A 728 -16.60 23.38 1.09
CA SER A 728 -15.26 23.17 1.65
C SER A 728 -15.33 23.20 3.17
N SER A 729 -16.11 24.11 3.72
CA SER A 729 -16.29 24.12 5.15
C SER A 729 -17.01 22.85 5.63
N LEU A 730 -18.02 22.42 4.87
CA LEU A 730 -18.71 21.16 5.15
C LEU A 730 -17.73 19.99 5.24
N VAL A 731 -17.03 19.68 4.16
CA VAL A 731 -16.16 18.50 4.17
C VAL A 731 -15.05 18.63 5.24
N GLY A 732 -14.64 19.88 5.52
CA GLY A 732 -13.68 20.18 6.58
C GLY A 732 -14.16 19.75 7.95
N ASN A 733 -15.44 19.96 8.22
CA ASN A 733 -16.07 19.55 9.48
C ASN A 733 -16.35 18.04 9.53
N LEU A 734 -16.50 17.41 8.37
CA LEU A 734 -16.77 15.98 8.33
C LEU A 734 -15.52 15.13 8.49
N VAL A 735 -14.34 15.76 8.40
CA VAL A 735 -13.12 14.99 8.54
C VAL A 735 -12.98 14.46 9.96
N ASP A 736 -13.34 15.28 10.94
CA ASP A 736 -13.25 14.86 12.33
C ASP A 736 -14.56 14.27 12.88
N GLN A 737 -15.41 13.84 11.98
CA GLN A 737 -16.74 13.36 12.31
C GLN A 737 -16.77 12.40 13.49
N SER A 738 -15.84 11.45 13.49
CA SER A 738 -15.89 10.30 14.41
C SER A 738 -15.57 10.66 15.85
N LYS A 739 -14.58 11.52 16.05
CA LYS A 739 -14.23 11.91 17.41
C LYS A 739 -14.93 13.20 17.82
N GLN A 740 -15.71 13.78 16.92
CA GLN A 740 -16.49 14.98 17.27
C GLN A 740 -17.92 14.61 17.55
N GLY A 741 -18.22 13.33 17.35
CA GLY A 741 -19.58 12.80 17.49
C GLY A 741 -20.57 13.58 16.66
N ILE A 742 -20.15 13.98 15.46
CA ILE A 742 -21.03 14.73 14.57
C ILE A 742 -21.97 13.75 13.91
N VAL A 743 -23.26 13.97 14.11
CA VAL A 743 -24.26 13.22 13.39
C VAL A 743 -24.68 14.02 12.15
N PHE A 744 -24.61 13.36 11.01
CA PHE A 744 -24.94 13.96 9.74
C PHE A 744 -25.45 12.83 8.86
N ASN A 745 -26.75 12.85 8.63
CA ASN A 745 -27.41 11.80 7.89
C ASN A 745 -27.98 12.30 6.58
N GLU A 746 -28.72 11.44 5.90
CA GLU A 746 -29.22 11.73 4.58
C GLU A 746 -30.17 12.91 4.54
N ALA A 747 -31.07 12.96 5.51
CA ALA A 747 -32.04 14.03 5.60
C ALA A 747 -31.36 15.39 5.76
N SER A 748 -30.27 15.44 6.53
CA SER A 748 -29.51 16.66 6.76
C SER A 748 -28.68 17.10 5.54
N TRP A 749 -28.10 16.13 4.83
CA TRP A 749 -27.44 16.41 3.56
C TRP A 749 -28.44 17.02 2.57
N ALA A 750 -29.60 16.38 2.41
CA ALA A 750 -30.63 16.88 1.50
C ALA A 750 -31.08 18.27 1.91
N GLN A 751 -31.32 18.43 3.22
CA GLN A 751 -31.75 19.71 3.78
C GLN A 751 -30.73 20.79 3.46
N LEU A 752 -29.46 20.50 3.72
CA LEU A 752 -28.37 21.42 3.43
C LEU A 752 -28.23 21.79 1.94
N ARG A 753 -28.30 20.83 1.02
CA ARG A 753 -28.35 21.20 -0.41
C ARG A 753 -29.63 21.96 -0.78
N ARG A 754 -30.75 21.60 -0.17
CA ARG A 754 -32.03 22.25 -0.45
C ARG A 754 -31.93 23.73 -0.09
N GLU A 755 -31.38 23.97 1.09
CA GLU A 755 -31.39 25.27 1.76
C GLU A 755 -30.25 26.19 1.37
N LEU A 756 -29.07 25.63 1.13
CA LEU A 756 -27.90 26.46 0.85
C LEU A 756 -27.39 26.34 -0.58
N LEU A 757 -27.87 25.37 -1.35
CA LEU A 757 -27.33 25.21 -2.69
C LEU A 757 -28.39 24.82 -3.73
N GLY A 758 -27.98 23.80 -4.51
CA GLY A 758 -28.67 23.03 -5.58
C GLY A 758 -30.12 22.57 -5.53
N GLY A 759 -30.51 21.69 -6.48
CA GLY A 759 -29.68 20.63 -6.98
C GLY A 759 -29.52 19.60 -5.87
N ALA A 760 -30.64 19.09 -5.33
CA ALA A 760 -30.71 17.72 -4.90
C ALA A 760 -30.06 17.03 -6.11
N LEU A 761 -30.90 16.70 -7.11
CA LEU A 761 -30.42 16.42 -8.48
C LEU A 761 -28.94 16.04 -8.55
N SER A 762 -28.63 14.97 -9.26
CA SER A 762 -27.23 14.67 -9.39
C SER A 762 -26.65 15.75 -10.28
N LEU A 763 -25.48 16.22 -9.90
CA LEU A 763 -24.65 17.00 -10.79
C LEU A 763 -23.94 16.00 -11.72
N PRO A 764 -23.73 16.42 -12.97
CA PRO A 764 -23.03 15.59 -13.96
C PRO A 764 -21.59 15.41 -13.54
N ASP A 765 -20.97 14.33 -14.02
CA ASP A 765 -19.56 14.11 -13.82
C ASP A 765 -18.83 15.15 -14.63
N PRO A 766 -17.72 15.66 -14.10
CA PRO A 766 -16.80 16.44 -14.93
C PRO A 766 -16.46 15.70 -16.23
N MET A 767 -16.15 16.41 -17.30
CA MET A 767 -15.81 15.75 -18.56
C MET A 767 -14.50 14.94 -18.41
N TYR A 768 -13.60 15.39 -17.55
CA TYR A 768 -12.31 14.75 -17.33
C TYR A 768 -12.44 13.37 -16.66
N LYS A 769 -13.66 12.93 -16.42
CA LYS A 769 -13.89 11.60 -15.87
C LYS A 769 -13.93 10.60 -17.00
N SER A 770 -14.18 11.10 -18.21
CA SER A 770 -14.22 10.28 -19.41
C SER A 770 -12.87 10.25 -20.10
N ASP A 771 -12.66 9.25 -20.96
CA ASP A 771 -11.39 9.05 -21.66
C ASP A 771 -11.18 9.98 -22.84
N SER A 772 -12.26 10.30 -23.53
CA SER A 772 -12.22 11.26 -24.61
C SER A 772 -13.08 12.49 -24.30
N TRP A 773 -12.77 13.58 -24.99
CA TRP A 773 -13.45 14.84 -24.81
C TRP A 773 -14.86 14.71 -25.36
N LEU A 774 -15.85 14.75 -24.46
CA LEU A 774 -17.27 14.59 -24.81
C LEU A 774 -18.06 15.87 -24.61
N GLY A 775 -17.29 16.91 -24.30
CA GLY A 775 -17.71 18.28 -24.23
C GLY A 775 -18.01 18.98 -25.53
N ARG A 776 -18.39 20.25 -25.40
CA ARG A 776 -18.74 21.06 -26.53
C ARG A 776 -17.73 22.17 -26.74
N GLY A 777 -17.05 22.11 -27.89
CA GLY A 777 -16.00 23.06 -28.25
C GLY A 777 -14.72 22.80 -27.48
N GLU A 778 -13.94 23.87 -27.26
CA GLU A 778 -12.70 23.76 -26.49
C GLU A 778 -12.92 23.65 -24.97
N PRO A 779 -12.15 22.79 -24.31
CA PRO A 779 -12.16 22.74 -22.84
C PRO A 779 -11.97 24.11 -22.19
N THR A 780 -12.77 24.38 -21.16
CA THR A 780 -12.74 25.66 -20.45
C THR A 780 -12.15 25.45 -19.05
N HIS A 781 -12.44 24.31 -18.46
CA HIS A 781 -11.99 23.98 -17.11
C HIS A 781 -10.57 23.49 -17.17
N ILE A 782 -9.67 24.31 -16.57
CA ILE A 782 -8.25 24.03 -16.70
C ILE A 782 -7.87 22.53 -16.78
N ILE A 783 -8.61 21.63 -16.16
CA ILE A 783 -8.26 20.22 -16.20
C ILE A 783 -8.64 19.62 -17.55
N ASP A 784 -9.85 19.94 -18.02
CA ASP A 784 -10.31 19.57 -19.36
C ASP A 784 -9.30 19.99 -20.42
N TYR A 785 -8.85 21.23 -20.32
CA TYR A 785 -7.88 21.80 -21.24
C TYR A 785 -6.52 21.10 -21.21
N LEU A 786 -6.07 20.72 -20.03
CA LEU A 786 -4.76 20.14 -19.89
C LEU A 786 -4.79 18.69 -20.37
N LYS A 787 -5.91 18.01 -20.15
CA LYS A 787 -6.06 16.63 -20.58
C LYS A 787 -6.39 16.55 -22.06
N PHE A 788 -7.24 17.46 -22.54
CA PHE A 788 -7.79 17.30 -23.87
C PHE A 788 -7.16 18.15 -24.95
N SER A 789 -6.71 19.35 -24.62
CA SER A 789 -6.15 20.22 -25.64
C SER A 789 -4.66 20.01 -25.68
N ILE A 790 -4.09 19.67 -24.53
CA ILE A 790 -2.65 19.60 -24.39
C ILE A 790 -2.14 18.16 -24.37
N ALA A 791 -2.56 17.39 -23.38
CA ALA A 791 -1.91 16.09 -23.13
C ALA A 791 -2.24 15.09 -24.22
N ARG A 792 -3.50 15.03 -24.60
CA ARG A 792 -3.98 14.01 -25.53
C ARG A 792 -3.37 14.15 -26.96
N PRO A 793 -3.37 15.38 -27.53
CA PRO A 793 -2.68 15.62 -28.80
C PRO A 793 -1.20 15.31 -28.73
N ALA A 794 -0.54 15.79 -27.69
CA ALA A 794 0.89 15.57 -27.49
C ALA A 794 1.22 14.08 -27.38
N ILE A 795 0.43 13.35 -26.60
CA ILE A 795 0.63 11.90 -26.45
C ILE A 795 0.49 11.25 -27.82
N ASP A 796 -0.65 11.43 -28.47
CA ASP A 796 -0.88 10.81 -29.79
C ASP A 796 0.17 11.19 -30.85
N LYS A 797 0.76 12.37 -30.68
CA LYS A 797 1.80 12.89 -31.56
C LYS A 797 3.13 12.20 -31.26
N GLU A 798 3.32 11.90 -29.98
CA GLU A 798 4.55 11.29 -29.51
C GLU A 798 4.55 9.79 -29.79
N LEU A 799 3.35 9.25 -30.00
CA LEU A 799 3.14 7.86 -30.34
C LEU A 799 3.09 7.64 -31.85
N GLU A 800 2.90 8.74 -32.59
CA GLU A 800 2.97 8.66 -34.05
C GLU A 800 4.40 8.69 -34.52
N ALA A 801 5.31 8.95 -33.59
CA ALA A 801 6.74 8.99 -33.86
C ALA A 801 7.29 7.58 -34.08
N PHE A 802 6.98 6.64 -33.19
CA PHE A 802 7.48 5.27 -33.40
C PHE A 802 6.41 4.19 -33.67
N HIS A 803 5.50 4.54 -34.57
CA HIS A 803 4.59 3.59 -35.21
C HIS A 803 4.80 3.86 -36.67
N ASN A 804 5.99 4.39 -36.99
CA ASN A 804 6.19 5.17 -38.20
C ASN A 804 7.17 4.72 -39.30
N ALA A 805 8.35 4.18 -39.02
CA ALA A 805 8.94 3.79 -37.72
C ALA A 805 8.87 2.27 -37.49
N MET A 806 7.88 1.61 -38.08
CA MET A 806 7.62 0.18 -37.80
C MET A 806 7.86 -0.88 -38.89
N LYS A 807 7.48 -0.72 -40.16
CA LYS A 807 6.94 0.47 -40.85
C LYS A 807 8.07 1.24 -41.59
N ALA A 808 9.19 1.43 -40.91
CA ALA A 808 10.40 1.94 -41.55
C ALA A 808 11.49 0.88 -41.41
N ALA A 809 11.08 -0.38 -41.33
CA ALA A 809 11.95 -1.43 -40.83
C ALA A 809 12.01 -2.69 -41.70
N LYS A 810 12.78 -3.49 -44.25
CA LYS A 810 12.95 -4.64 -45.14
C LYS A 810 14.38 -5.19 -45.12
N ASP A 811 15.35 -4.35 -45.48
CA ASP A 811 16.75 -4.74 -45.44
C ASP A 811 17.68 -3.54 -45.48
N THR A 812 17.26 -2.44 -44.85
CA THR A 812 18.11 -1.25 -44.75
C THR A 812 19.38 -1.64 -44.00
N GLU A 813 19.25 -2.57 -43.05
CA GLU A 813 20.38 -3.31 -42.47
C GLU A 813 21.02 -2.66 -41.23
N ASP A 814 20.29 -2.44 -40.12
CA ASP A 814 18.87 -2.78 -39.87
C ASP A 814 18.15 -3.80 -40.78
N GLY A 815 16.84 -3.98 -40.60
CA GLY A 815 16.05 -3.41 -39.50
C GLY A 815 15.75 -4.49 -38.46
N ALA A 816 14.50 -4.63 -38.05
CA ALA A 816 14.17 -5.63 -37.00
C ALA A 816 13.37 -6.80 -37.56
N HIS A 817 13.88 -8.02 -37.37
CA HIS A 817 13.22 -9.23 -37.89
C HIS A 817 13.04 -10.26 -36.79
N PHE A 818 12.11 -11.19 -37.03
CA PHE A 818 12.00 -12.38 -36.19
C PHE A 818 13.15 -13.35 -36.49
N TRP A 819 13.58 -13.43 -37.74
CA TRP A 819 14.66 -14.34 -38.12
C TRP A 819 16.02 -13.97 -37.50
N ASP A 820 16.79 -14.99 -37.17
CA ASP A 820 18.13 -14.84 -36.65
C ASP A 820 18.81 -16.17 -36.92
N PRO A 821 19.71 -16.21 -37.92
CA PRO A 821 20.36 -17.46 -38.33
C PRO A 821 21.16 -18.10 -37.21
N ASP A 822 21.49 -17.32 -36.19
CA ASP A 822 22.23 -17.81 -35.04
C ASP A 822 21.41 -18.80 -34.26
N LEU A 823 20.10 -18.60 -34.22
CA LEU A 823 19.23 -19.40 -33.40
C LEU A 823 18.75 -20.68 -34.10
N ALA A 824 19.09 -20.83 -35.40
CA ALA A 824 18.81 -22.06 -36.17
C ALA A 824 20.07 -22.93 -36.22
N SER A 825 21.09 -22.45 -35.54
CA SER A 825 22.37 -23.11 -35.30
C SER A 825 22.31 -24.63 -35.09
N TYR A 826 21.66 -25.06 -34.01
CA TYR A 826 21.60 -26.48 -33.65
C TYR A 826 20.67 -27.24 -34.62
N TYR A 827 19.67 -26.52 -35.13
CA TYR A 827 18.77 -27.09 -36.13
C TYR A 827 19.56 -27.62 -37.32
N THR A 828 20.34 -26.75 -37.94
CA THR A 828 21.10 -27.04 -39.13
C THR A 828 22.19 -28.06 -38.85
N PHE A 829 22.68 -28.05 -37.61
CA PHE A 829 23.73 -28.96 -37.17
C PHE A 829 23.25 -30.40 -37.22
N PHE A 830 22.02 -30.60 -36.74
CA PHE A 830 21.48 -31.94 -36.59
C PHE A 830 20.72 -32.40 -37.83
N LYS A 831 20.37 -31.47 -38.70
CA LYS A 831 19.82 -31.81 -40.00
C LYS A 831 20.93 -32.37 -40.87
N GLU A 832 22.13 -31.85 -40.66
CA GLU A 832 23.31 -32.29 -41.40
C GLU A 832 23.67 -33.71 -41.01
N ILE A 833 23.14 -34.13 -39.87
CA ILE A 833 23.61 -35.33 -39.22
C ILE A 833 22.92 -36.69 -39.41
N SER A 834 21.60 -36.89 -39.25
CA SER A 834 20.44 -36.40 -40.00
C SER A 834 20.41 -36.60 -41.52
N ASP A 835 21.58 -36.60 -42.15
CA ASP A 835 21.64 -36.66 -43.60
C ASP A 835 21.92 -37.98 -44.36
N LYS A 836 23.02 -38.72 -44.21
CA LYS A 836 23.94 -38.97 -43.13
C LYS A 836 23.32 -39.82 -42.01
N SER A 837 22.01 -39.67 -41.84
CA SER A 837 21.36 -39.87 -40.54
C SER A 837 21.51 -41.22 -39.90
N ARG A 838 21.19 -42.18 -40.75
CA ARG A 838 20.49 -43.43 -40.52
C ARG A 838 19.10 -43.26 -39.91
N SER A 839 19.15 -42.85 -38.66
CA SER A 839 18.20 -43.07 -37.62
C SER A 839 18.32 -41.92 -36.64
N SER A 840 18.91 -40.83 -37.07
CA SER A 840 18.95 -39.65 -36.24
C SER A 840 18.16 -38.40 -36.69
N ALA A 841 17.73 -38.21 -37.95
CA ALA A 841 16.86 -39.01 -38.80
C ALA A 841 15.51 -39.19 -38.13
N LEU A 842 15.30 -40.40 -37.63
CA LEU A 842 14.08 -40.77 -36.95
C LEU A 842 13.88 -39.95 -35.68
N LEU A 843 14.95 -39.83 -34.88
CA LEU A 843 14.90 -39.04 -33.65
C LEU A 843 14.52 -37.59 -33.97
N PHE A 844 15.15 -37.03 -35.00
CA PHE A 844 14.92 -35.65 -35.40
C PHE A 844 13.48 -35.42 -35.89
N THR A 845 12.92 -36.46 -36.50
CA THR A 845 11.54 -36.41 -37.01
C THR A 845 10.51 -36.39 -35.88
N THR A 846 10.67 -37.29 -34.91
CA THR A 846 9.82 -37.30 -33.73
C THR A 846 9.87 -35.94 -33.05
N LEU A 847 11.07 -35.39 -32.93
CA LEU A 847 11.27 -34.09 -32.30
C LEU A 847 10.45 -33.00 -32.99
N LYS A 848 10.61 -32.86 -34.31
CA LYS A 848 9.86 -31.84 -35.04
C LYS A 848 8.36 -32.07 -34.89
N ASN A 849 7.95 -33.33 -35.03
CA ASN A 849 6.55 -33.72 -34.87
C ASN A 849 5.97 -33.29 -33.52
N ARG A 850 6.64 -33.65 -32.44
CA ARG A 850 6.19 -33.33 -31.09
C ARG A 850 6.09 -31.82 -30.86
N ILE A 851 7.12 -31.09 -31.27
CA ILE A 851 7.09 -29.63 -31.22
C ILE A 851 5.83 -29.11 -31.89
N GLY A 852 5.54 -29.64 -33.08
CA GLY A 852 4.33 -29.30 -33.83
C GLY A 852 3.05 -29.53 -33.05
N GLU A 853 2.97 -30.67 -32.38
CA GLU A 853 1.82 -30.99 -31.53
C GLU A 853 1.67 -29.99 -30.38
N VAL A 854 2.79 -29.57 -29.81
CA VAL A 854 2.80 -28.62 -28.68
C VAL A 854 2.53 -27.17 -29.11
N GLU A 855 2.96 -26.78 -30.30
CA GLU A 855 2.57 -25.46 -30.80
C GLU A 855 1.05 -25.42 -31.04
N LYS A 856 0.49 -26.54 -31.51
CA LYS A 856 -0.95 -26.65 -31.67
C LYS A 856 -1.66 -26.50 -30.32
N GLU A 857 -1.09 -27.08 -29.29
CA GLU A 857 -1.60 -26.93 -27.92
C GLU A 857 -1.53 -25.49 -27.43
N TYR A 858 -0.48 -24.77 -27.83
CA TYR A 858 -0.32 -23.37 -27.45
C TYR A 858 -1.35 -22.48 -28.13
N GLY A 859 -1.67 -22.81 -29.38
CA GLY A 859 -2.75 -22.16 -30.12
C GLY A 859 -4.08 -22.12 -29.36
N ARG A 860 -4.43 -23.23 -28.73
CA ARG A 860 -5.69 -23.30 -27.98
C ARG A 860 -5.57 -22.87 -26.51
N ASP A 872 -7.14 -22.27 -15.97
CA ASP A 872 -7.50 -21.00 -16.61
C ASP A 872 -7.65 -19.83 -15.64
N PRO A 873 -6.51 -19.27 -15.24
CA PRO A 873 -5.97 -17.95 -15.47
C PRO A 873 -4.78 -18.14 -16.45
N TYR A 874 -4.36 -17.07 -17.10
CA TYR A 874 -3.33 -17.13 -18.12
C TYR A 874 -2.02 -17.87 -17.71
N PRO A 875 -1.41 -17.52 -16.55
CA PRO A 875 -0.14 -18.18 -16.19
C PRO A 875 -0.26 -19.70 -16.07
N VAL A 876 -1.40 -20.19 -15.58
CA VAL A 876 -1.62 -21.63 -15.43
C VAL A 876 -1.67 -22.35 -16.79
N ARG A 877 -2.41 -21.79 -17.75
CA ARG A 877 -2.49 -22.36 -19.09
C ARG A 877 -1.12 -22.41 -19.79
N VAL A 878 -0.36 -21.32 -19.67
CA VAL A 878 0.99 -21.28 -20.22
C VAL A 878 1.88 -22.39 -19.64
N ASN A 879 1.82 -22.57 -18.33
CA ASN A 879 2.51 -23.66 -17.65
C ASN A 879 2.15 -25.05 -18.17
N GLN A 880 0.85 -25.29 -18.37
CA GLN A 880 0.38 -26.57 -18.88
C GLN A 880 1.06 -26.89 -20.21
N VAL A 881 1.14 -25.90 -21.07
CA VAL A 881 1.84 -26.03 -22.34
C VAL A 881 3.36 -26.17 -22.14
N TYR A 882 3.90 -25.38 -21.22
CA TYR A 882 5.32 -25.49 -20.89
C TYR A 882 5.70 -26.90 -20.46
N GLU A 883 4.83 -27.52 -19.68
CA GLU A 883 5.03 -28.88 -19.18
C GLU A 883 5.00 -29.95 -20.26
N LYS A 884 4.12 -29.78 -21.25
CA LYS A 884 4.12 -30.61 -22.44
C LYS A 884 5.37 -30.37 -23.28
N TRP A 885 5.79 -29.11 -23.35
CA TRP A 885 7.03 -28.72 -24.01
C TRP A 885 8.25 -29.41 -23.37
N CYS A 886 8.38 -29.28 -22.05
CA CYS A 886 9.47 -29.93 -21.31
C CYS A 886 9.41 -31.45 -21.40
N ALA A 887 8.22 -31.98 -21.65
CA ALA A 887 8.04 -33.43 -21.80
C ALA A 887 8.52 -33.97 -23.15
N ILE A 888 8.78 -33.07 -24.11
CA ILE A 888 9.44 -33.45 -25.35
C ILE A 888 10.88 -33.84 -25.06
N THR A 889 11.10 -35.14 -24.99
CA THR A 889 12.34 -35.71 -24.50
C THR A 889 12.85 -36.77 -25.48
N PRO A 890 14.17 -37.01 -25.50
CA PRO A 890 14.72 -38.03 -26.39
C PRO A 890 14.47 -39.43 -25.86
N SER A 902 22.59 -45.76 -26.50
CA SER A 902 23.73 -45.19 -27.21
C SER A 902 23.34 -43.90 -27.89
N LYS A 903 24.28 -43.08 -28.36
CA LYS A 903 25.51 -42.66 -27.72
C LYS A 903 25.23 -41.17 -27.98
N VAL A 904 24.53 -40.96 -29.09
CA VAL A 904 24.03 -39.66 -29.54
C VAL A 904 22.96 -39.09 -28.60
N ILE A 905 22.08 -39.97 -28.10
CA ILE A 905 21.04 -39.56 -27.15
C ILE A 905 21.65 -39.24 -25.78
N ARG A 906 22.70 -39.98 -25.43
CA ARG A 906 23.39 -39.75 -24.17
C ARG A 906 24.08 -38.41 -24.16
N LEU A 907 24.64 -38.02 -25.30
CA LEU A 907 25.31 -36.73 -25.41
C LEU A 907 24.31 -35.57 -25.42
N LEU A 908 23.17 -35.78 -26.06
CA LEU A 908 22.11 -34.77 -26.09
C LEU A 908 21.45 -34.64 -24.71
N GLU A 909 21.35 -35.76 -24.00
CA GLU A 909 20.60 -35.83 -22.75
C GLU A 909 21.38 -35.37 -21.51
N LEU A 910 22.70 -35.61 -21.49
CA LEU A 910 23.54 -35.27 -20.33
C LEU A 910 22.80 -35.45 -18.99
N SER A 911 22.46 -36.70 -18.68
CA SER A 911 21.55 -37.00 -17.57
C SER A 911 22.15 -36.76 -16.19
N PHE A 912 23.46 -36.61 -16.14
CA PHE A 912 24.16 -36.26 -14.90
C PHE A 912 23.80 -34.83 -14.44
N LEU A 913 23.15 -34.06 -15.30
CA LEU A 913 22.61 -32.75 -14.92
C LEU A 913 21.20 -32.90 -14.36
N ALA A 914 21.03 -32.49 -13.09
CA ALA A 914 19.71 -32.55 -12.44
C ALA A 914 18.63 -31.67 -13.12
N ASP A 915 19.06 -30.61 -13.79
CA ASP A 915 18.15 -29.73 -14.51
C ASP A 915 18.23 -30.03 -15.99
N ARG A 916 17.24 -30.80 -16.47
CA ARG A 916 16.99 -31.13 -17.89
C ARG A 916 17.18 -29.99 -18.87
N GLU A 917 16.79 -28.79 -18.44
CA GLU A 917 16.68 -27.68 -19.35
C GLU A 917 18.06 -27.05 -19.64
N MET A 918 19.11 -27.65 -19.06
CA MET A 918 20.49 -27.27 -19.32
C MET A 918 21.18 -28.26 -20.27
N ASN A 919 20.49 -29.30 -20.73
CA ASN A 919 21.15 -30.20 -21.67
C ASN A 919 21.24 -29.67 -23.11
N THR A 920 22.03 -30.36 -23.93
CA THR A 920 22.21 -30.00 -25.34
C THR A 920 20.93 -30.26 -26.13
N TRP A 921 20.14 -31.21 -25.65
CA TRP A 921 18.84 -31.54 -26.23
C TRP A 921 17.89 -30.36 -26.19
N ALA A 922 17.88 -29.67 -25.04
CA ALA A 922 17.07 -28.47 -24.85
C ALA A 922 17.45 -27.39 -25.85
N LEU A 923 18.76 -27.26 -26.10
CA LEU A 923 19.27 -26.32 -27.12
C LEU A 923 18.75 -26.70 -28.50
N LEU A 924 18.94 -27.95 -28.88
CA LEU A 924 18.44 -28.50 -30.14
C LEU A 924 16.92 -28.35 -30.29
N ARG A 925 16.18 -28.63 -29.23
CA ARG A 925 14.73 -28.53 -29.26
C ARG A 925 14.30 -27.08 -29.50
N ALA A 926 14.98 -26.16 -28.83
CA ALA A 926 14.69 -24.72 -28.92
C ALA A 926 15.00 -24.20 -30.29
N SER A 927 16.11 -24.64 -30.88
CA SER A 927 16.51 -24.10 -32.18
C SER A 927 15.65 -24.66 -33.32
N THR A 928 15.36 -25.96 -33.25
CA THR A 928 14.48 -26.61 -34.19
C THR A 928 13.11 -25.95 -34.18
N ALA A 929 12.59 -25.70 -32.98
CA ALA A 929 11.31 -25.01 -32.83
C ALA A 929 11.36 -23.60 -33.41
N PHE A 930 12.52 -22.95 -33.27
CA PHE A 930 12.74 -21.64 -33.83
C PHE A 930 12.74 -21.66 -35.35
N LYS A 931 13.52 -22.57 -35.93
CA LYS A 931 13.60 -22.69 -37.37
C LYS A 931 12.20 -22.98 -37.90
N LEU A 932 11.50 -23.89 -37.26
CA LEU A 932 10.18 -24.30 -37.72
C LEU A 932 9.12 -23.25 -37.50
N TYR A 933 9.27 -22.41 -36.48
CA TYR A 933 8.14 -21.59 -36.02
C TYR A 933 8.38 -20.09 -35.82
N TYR A 934 9.60 -19.60 -36.04
CA TYR A 934 9.86 -18.16 -35.95
C TYR A 934 8.86 -17.45 -36.87
N HIS A 935 8.54 -18.13 -37.99
CA HIS A 935 7.48 -17.77 -38.92
C HIS A 935 6.35 -16.99 -38.27
N LYS A 936 5.42 -17.58 -37.52
CA LYS A 936 4.47 -18.66 -37.81
C LYS A 936 3.77 -18.50 -36.47
N SER A 937 4.49 -18.87 -35.41
CA SER A 937 4.10 -18.62 -34.03
C SER A 937 5.31 -18.13 -33.24
N PRO A 938 5.67 -16.85 -33.39
CA PRO A 938 6.80 -16.25 -32.69
C PRO A 938 6.64 -16.27 -31.17
N LYS A 939 5.41 -16.04 -30.70
CA LYS A 939 5.16 -15.99 -29.25
C LYS A 939 5.32 -17.35 -28.60
N PHE A 940 4.89 -18.39 -29.32
CA PHE A 940 5.04 -19.77 -28.84
C PHE A 940 6.49 -20.14 -28.57
N VAL A 941 7.36 -19.88 -29.54
CA VAL A 941 8.75 -20.30 -29.44
C VAL A 941 9.48 -19.58 -28.32
N TRP A 942 9.33 -18.26 -28.28
CA TRP A 942 10.00 -17.43 -27.28
C TRP A 942 9.52 -17.73 -25.87
N GLN A 943 8.22 -17.92 -25.71
CA GLN A 943 7.68 -18.19 -24.37
C GLN A 943 8.11 -19.54 -23.84
N MET A 944 8.20 -20.55 -24.72
CA MET A 944 8.61 -21.88 -24.29
C MET A 944 10.14 -21.98 -24.16
N ALA A 945 10.86 -21.45 -25.15
CA ALA A 945 12.28 -21.70 -25.29
C ALA A 945 13.19 -20.47 -25.20
N GLY A 946 12.60 -19.32 -24.88
CA GLY A 946 13.36 -18.08 -24.70
C GLY A 946 14.71 -18.32 -24.04
N ARG A 947 14.68 -19.05 -22.94
CA ARG A 947 15.85 -19.40 -22.13
C ARG A 947 17.00 -20.07 -22.91
N GLN A 948 16.71 -21.13 -23.66
CA GLN A 948 17.75 -21.76 -24.50
C GLN A 948 18.13 -20.98 -25.78
N LEU A 949 17.19 -20.20 -26.33
CA LEU A 949 17.52 -19.29 -27.45
C LEU A 949 18.60 -18.30 -26.99
N ALA A 950 18.49 -17.86 -25.73
CA ALA A 950 19.45 -16.95 -25.13
C ALA A 950 20.83 -17.61 -25.00
N TYR A 951 20.86 -18.86 -24.59
CA TYR A 951 22.11 -19.60 -24.42
C TYR A 951 22.78 -19.73 -25.74
N ILE A 952 22.02 -20.17 -26.74
CA ILE A 952 22.52 -20.34 -28.09
C ILE A 952 23.09 -19.03 -28.64
N LYS A 953 22.36 -17.93 -28.41
CA LYS A 953 22.80 -16.62 -28.86
C LYS A 953 24.13 -16.24 -28.21
N ALA A 954 24.30 -16.55 -26.93
CA ALA A 954 25.53 -16.18 -26.23
C ALA A 954 26.68 -17.10 -26.63
N GLN A 955 26.33 -18.33 -26.95
CA GLN A 955 27.31 -19.27 -27.47
C GLN A 955 27.77 -18.78 -28.82
N MET A 956 26.81 -18.48 -29.70
CA MET A 956 27.12 -18.20 -31.09
C MET A 956 27.89 -16.90 -31.30
N THR A 957 27.60 -15.87 -30.49
CA THR A 957 28.21 -14.56 -30.73
C THR A 957 29.58 -14.43 -30.09
N SER A 958 29.97 -15.44 -29.34
CA SER A 958 31.26 -15.42 -28.68
C SER A 958 32.34 -15.50 -29.73
N ARG A 959 33.39 -14.71 -29.52
CA ARG A 959 34.54 -14.71 -30.41
C ARG A 959 35.81 -15.00 -29.63
N PRO A 960 36.69 -15.84 -30.20
CA PRO A 960 38.02 -16.10 -29.65
C PRO A 960 38.75 -14.80 -29.30
N GLY A 961 39.31 -14.72 -28.10
CA GLY A 961 40.10 -13.54 -27.74
C GLY A 961 39.30 -12.25 -27.57
N GLU A 962 37.98 -12.36 -27.44
CA GLU A 962 37.16 -11.18 -27.18
C GLU A 962 36.37 -11.36 -25.90
N GLY A 963 36.98 -12.07 -24.95
CA GLY A 963 36.42 -12.21 -23.63
C GLY A 963 35.60 -13.47 -23.48
N ALA A 964 35.26 -13.81 -22.25
CA ALA A 964 34.51 -15.01 -21.98
C ALA A 964 33.07 -14.71 -21.56
N PRO A 965 32.10 -15.37 -22.22
CA PRO A 965 30.75 -15.40 -21.72
C PRO A 965 30.71 -16.00 -20.33
N ALA A 966 29.79 -15.52 -19.51
CA ALA A 966 29.69 -15.97 -18.12
C ALA A 966 28.40 -16.73 -17.91
N LEU A 967 28.49 -17.94 -17.37
CA LEU A 967 27.27 -18.67 -17.03
C LEU A 967 26.93 -18.44 -15.57
N MET A 968 25.92 -17.62 -15.35
CA MET A 968 25.56 -17.21 -14.01
C MET A 968 24.43 -18.06 -13.47
N THR A 969 24.48 -18.36 -12.17
CA THR A 969 23.39 -19.07 -11.52
C THR A 969 22.21 -18.11 -11.45
N ALA A 970 20.99 -18.65 -11.36
CA ALA A 970 19.81 -17.83 -11.25
C ALA A 970 19.89 -16.88 -10.06
N PHE A 971 20.37 -17.39 -8.92
CA PHE A 971 20.53 -16.57 -7.74
C PHE A 971 21.52 -15.43 -7.93
N MET A 972 22.71 -15.76 -8.43
CA MET A 972 23.77 -14.76 -8.58
C MET A 972 23.43 -13.72 -9.65
N TYR A 973 22.67 -14.14 -10.65
CA TYR A 973 22.20 -13.20 -11.66
C TYR A 973 21.22 -12.18 -11.07
N ALA A 974 20.34 -12.63 -10.17
CA ALA A 974 19.35 -11.72 -9.56
C ALA A 974 19.97 -10.60 -8.71
N GLY A 975 21.22 -10.77 -8.31
CA GLY A 975 21.88 -9.82 -7.39
C GLY A 975 22.64 -8.67 -8.04
N LEU A 976 22.77 -8.73 -9.36
CA LEU A 976 23.48 -7.70 -10.13
C LEU A 976 22.51 -6.73 -10.74
N MET A 977 22.97 -5.49 -10.90
CA MET A 977 22.22 -4.43 -11.55
C MET A 977 23.10 -3.76 -12.62
N PRO A 978 22.48 -3.12 -13.62
CA PRO A 978 23.29 -2.36 -14.56
C PRO A 978 24.08 -1.25 -13.85
N ASP A 979 25.33 -1.10 -14.25
CA ASP A 979 26.24 -0.09 -13.70
C ASP A 979 26.14 1.17 -14.56
N LYS A 980 25.41 2.16 -14.07
CA LYS A 980 25.15 3.38 -14.83
C LYS A 980 26.43 4.12 -15.23
N LYS A 981 27.42 4.14 -14.33
CA LYS A 981 28.72 4.70 -14.69
C LYS A 981 29.43 3.96 -15.82
N PHE A 982 29.39 2.63 -15.81
CA PHE A 982 29.93 1.85 -16.92
C PHE A 982 29.28 2.31 -18.22
N THR A 983 27.95 2.16 -18.29
CA THR A 983 27.19 2.57 -19.46
C THR A 983 27.64 3.93 -19.97
N LYS A 984 27.58 4.91 -19.07
CA LYS A 984 27.92 6.28 -19.40
C LYS A 984 29.36 6.42 -19.90
N GLN A 985 30.31 5.85 -19.18
CA GLN A 985 31.72 5.94 -19.58
C GLN A 985 32.03 5.17 -20.87
N TYR A 986 31.44 3.98 -21.02
CA TYR A 986 31.66 3.13 -22.22
C TYR A 986 31.14 3.77 -23.50
N VAL A 987 29.95 4.36 -23.41
CA VAL A 987 29.36 5.05 -24.54
C VAL A 987 30.18 6.30 -24.89
N ALA A 988 30.69 6.96 -23.86
CA ALA A 988 31.45 8.19 -24.04
C ALA A 988 32.71 7.87 -24.83
N ARG A 989 33.28 6.68 -24.63
CA ARG A 989 34.47 6.30 -25.37
C ARG A 989 34.13 5.78 -26.78
N LEU A 990 32.97 5.13 -26.92
CA LEU A 990 32.45 4.78 -28.24
C LEU A 990 32.22 5.99 -29.15
N GLU A 991 31.86 7.12 -28.54
CA GLU A 991 31.47 8.29 -29.31
C GLU A 991 32.63 9.29 -29.49
N GLY A 992 33.85 8.79 -29.34
CA GLY A 992 35.06 9.59 -29.55
C GLY A 992 35.35 10.51 -28.36
N ASP A 993 35.47 11.74 -28.51
#